data_8YMX
#
_entry.id   8YMX
#
_entity_poly.entity_id   1
_entity_poly.type   'polypeptide(L)'
_entity_poly.pdbx_seq_one_letter_code
;MAPSAYALDRSSVPSGKPRLMEGAESKARAGARKIHHLKIHGFDRVFGPGTHRWQRALWFAGVVFCFGISAHQIAMHVLD
YLSEPVAVRIDFVAQNELRIPEITVCPRIFQQNTIFTDMVEKQGIDKMKFLDLIDRPEYDIMAVWNLSRIFSDNVSCSAH
EGSSIISGSYVDPNMSQPHLVYTTSGQCINIPASRPLIYRGVNTFVRITDSQPRNLDEVRPEAIQIYFHEHHHAHLSRYL
TGLRGYIVPIANPFAFSIRFTQINYANKTDSPCVDSEEYAACVEDFIEQRIYEKAQVQCRLPYMRPKLPLCSTPTDARKI
FVATDDVIQNFEKESSCKRKCEETLYIVEFMHLFERSNISIDMSVYFAYNYIQVATEYLTYTLRGLLSDIGGVLGLFLGI
CILSVIEVFEVVIFSLQRVLCNEDKKQQNNE
;
_entity_poly.pdbx_strand_id   A,B,C
#
# COMPACT_ATOMS: atom_id res chain seq x y z
N VAL A 63 -7.13 8.66 55.31
CA VAL A 63 -6.63 7.78 54.25
C VAL A 63 -7.80 7.25 53.42
N VAL A 64 -9.02 7.63 53.80
CA VAL A 64 -10.19 7.21 53.05
C VAL A 64 -10.16 7.80 51.64
N PHE A 65 -9.66 9.04 51.53
CA PHE A 65 -9.51 9.66 50.21
C PHE A 65 -8.61 8.83 49.32
N CYS A 66 -7.44 8.45 49.83
CA CYS A 66 -6.52 7.62 49.06
C CYS A 66 -7.15 6.27 48.73
N PHE A 67 -7.89 5.69 49.67
CA PHE A 67 -8.56 4.43 49.39
C PHE A 67 -9.56 4.57 48.25
N GLY A 68 -10.31 5.67 48.23
CA GLY A 68 -11.25 5.89 47.14
C GLY A 68 -10.56 6.09 45.81
N ILE A 69 -9.48 6.87 45.80
CA ILE A 69 -8.75 7.08 44.54
C ILE A 69 -8.18 5.76 44.04
N SER A 70 -7.69 4.92 44.96
CA SER A 70 -7.17 3.62 44.56
C SER A 70 -8.28 2.71 44.05
N ALA A 71 -9.46 2.79 44.66
CA ALA A 71 -10.60 2.03 44.15
C ALA A 71 -10.94 2.47 42.74
N HIS A 72 -10.89 3.78 42.47
CA HIS A 72 -11.10 4.26 41.11
C HIS A 72 -10.04 3.73 40.16
N GLN A 73 -8.79 3.70 40.62
CA GLN A 73 -7.71 3.17 39.79
C GLN A 73 -7.96 1.71 39.44
N ILE A 74 -8.39 0.92 40.42
CA ILE A 74 -8.69 -0.49 40.16
C ILE A 74 -9.91 -0.62 39.25
N ALA A 75 -10.87 0.30 39.36
CA ALA A 75 -12.01 0.28 38.46
C ALA A 75 -11.59 0.53 37.02
N MET A 76 -10.70 1.50 36.80
CA MET A 76 -10.14 1.67 35.47
C MET A 76 -9.38 0.42 35.03
N HIS A 77 -8.67 -0.22 35.96
CA HIS A 77 -8.01 -1.48 35.66
C HIS A 77 -8.99 -2.50 35.09
N VAL A 78 -10.09 -2.72 35.81
CA VAL A 78 -11.05 -3.73 35.40
C VAL A 78 -11.70 -3.34 34.07
N LEU A 79 -12.00 -2.05 33.90
CA LEU A 79 -12.59 -1.59 32.65
C LEU A 79 -11.66 -1.86 31.47
N ASP A 80 -10.36 -1.59 31.64
CA ASP A 80 -9.40 -1.88 30.60
C ASP A 80 -9.23 -3.38 30.40
N TYR A 81 -9.52 -4.17 31.43
CA TYR A 81 -9.35 -5.62 31.33
C TYR A 81 -10.15 -6.18 30.14
N LEU A 82 -11.39 -5.74 29.99
CA LEU A 82 -12.21 -6.20 28.87
C LEU A 82 -11.60 -5.75 27.55
N SER A 83 -11.33 -6.72 26.67
CA SER A 83 -10.81 -6.43 25.34
C SER A 83 -9.44 -5.79 25.41
N GLU A 84 -9.37 -4.47 25.23
CA GLU A 84 -8.12 -3.73 25.16
C GLU A 84 -7.17 -4.32 24.12
N PRO A 85 -7.62 -4.47 22.87
CA PRO A 85 -6.78 -5.08 21.83
C PRO A 85 -5.88 -4.03 21.20
N VAL A 86 -4.58 -4.23 21.32
CA VAL A 86 -3.58 -3.34 20.72
C VAL A 86 -2.87 -4.09 19.60
N ALA A 87 -2.66 -3.42 18.48
CA ALA A 87 -1.99 -4.04 17.36
C ALA A 87 -0.52 -4.20 17.69
N VAL A 88 -0.21 -5.22 18.50
CA VAL A 88 1.14 -5.37 19.03
C VAL A 88 2.14 -5.49 17.90
N ARG A 89 1.85 -6.33 16.91
CA ARG A 89 2.79 -6.64 15.84
C ARG A 89 2.10 -6.43 14.50
N ILE A 90 2.30 -5.27 13.90
CA ILE A 90 2.12 -5.09 12.47
C ILE A 90 3.50 -5.32 11.88
N ASP A 91 3.84 -6.59 11.64
CA ASP A 91 5.17 -6.95 11.18
C ASP A 91 5.09 -7.64 9.83
N PHE A 92 6.15 -7.50 9.06
CA PHE A 92 6.22 -7.97 7.69
C PHE A 92 6.91 -9.33 7.70
N VAL A 93 6.11 -10.38 7.70
CA VAL A 93 6.61 -11.75 7.78
C VAL A 93 6.66 -12.35 6.38
N ALA A 94 7.79 -12.94 6.03
CA ALA A 94 7.97 -13.58 4.73
C ALA A 94 8.07 -15.09 4.94
N GLN A 95 7.17 -15.84 4.32
CA GLN A 95 7.15 -17.28 4.42
C GLN A 95 6.83 -17.89 3.06
N ASN A 96 7.36 -19.09 2.83
CA ASN A 96 7.00 -19.82 1.62
C ASN A 96 5.51 -20.11 1.58
N GLU A 97 4.95 -20.53 2.72
CA GLU A 97 3.53 -20.80 2.81
C GLU A 97 2.73 -19.55 2.50
N LEU A 98 1.71 -19.69 1.64
CA LEU A 98 0.85 -18.58 1.25
C LEU A 98 -0.60 -18.96 1.48
N ARG A 99 -1.35 -18.07 2.14
CA ARG A 99 -2.77 -18.27 2.39
C ARG A 99 -3.53 -17.56 1.27
N ILE A 100 -3.89 -18.33 0.25
CA ILE A 100 -4.48 -17.74 -0.96
C ILE A 100 -5.87 -17.20 -0.63
N PRO A 101 -6.27 -16.06 -1.17
CA PRO A 101 -7.64 -15.58 -0.95
C PRO A 101 -8.66 -16.49 -1.64
N GLU A 102 -9.86 -16.51 -1.07
CA GLU A 102 -10.98 -17.18 -1.72
C GLU A 102 -11.55 -16.26 -2.79
N ILE A 103 -11.40 -16.64 -4.05
CA ILE A 103 -11.75 -15.79 -5.17
C ILE A 103 -13.15 -16.15 -5.65
N THR A 104 -14.00 -15.14 -5.81
CA THR A 104 -15.30 -15.28 -6.46
C THR A 104 -15.27 -14.45 -7.73
N VAL A 105 -15.49 -15.09 -8.86
CA VAL A 105 -15.46 -14.45 -10.17
C VAL A 105 -16.90 -14.37 -10.64
N CYS A 106 -17.54 -13.23 -10.43
CA CYS A 106 -18.97 -13.10 -10.64
C CYS A 106 -19.27 -11.75 -11.26
N PRO A 107 -20.28 -11.65 -12.12
CA PRO A 107 -20.72 -10.32 -12.56
C PRO A 107 -21.37 -9.58 -11.40
N ARG A 108 -21.12 -8.28 -11.31
CA ARG A 108 -21.43 -7.56 -10.08
C ARG A 108 -22.91 -7.65 -9.72
N ILE A 109 -23.79 -7.28 -10.65
CA ILE A 109 -25.22 -7.23 -10.38
C ILE A 109 -25.98 -7.50 -11.67
N PHE A 110 -27.26 -7.87 -11.54
CA PHE A 110 -28.07 -8.19 -12.71
C PHE A 110 -28.23 -6.98 -13.62
N GLN A 111 -28.52 -5.82 -13.04
CA GLN A 111 -28.69 -4.61 -13.84
C GLN A 111 -27.37 -4.17 -14.46
N GLN A 112 -26.29 -4.19 -13.67
CA GLN A 112 -24.99 -3.80 -14.19
C GLN A 112 -24.50 -4.76 -15.26
N ASN A 113 -24.63 -6.06 -15.02
CA ASN A 113 -24.12 -7.04 -15.96
C ASN A 113 -24.82 -6.91 -17.30
N THR A 114 -24.03 -6.94 -18.38
CA THR A 114 -24.61 -6.84 -19.71
C THR A 114 -25.41 -8.08 -20.08
N ILE A 115 -24.98 -9.26 -19.63
CA ILE A 115 -25.64 -10.50 -20.03
C ILE A 115 -27.09 -10.50 -19.54
N PHE A 116 -27.29 -10.24 -18.24
CA PHE A 116 -28.63 -10.30 -17.68
C PHE A 116 -29.51 -9.21 -18.26
N THR A 117 -28.96 -8.00 -18.40
CA THR A 117 -29.74 -6.90 -18.96
C THR A 117 -30.19 -7.22 -20.37
N ASP A 118 -29.28 -7.74 -21.21
CA ASP A 118 -29.66 -8.07 -22.57
C ASP A 118 -30.69 -9.19 -22.60
N MET A 119 -30.49 -10.23 -21.78
CA MET A 119 -31.44 -11.33 -21.74
C MET A 119 -32.83 -10.85 -21.37
N VAL A 120 -32.92 -10.02 -20.32
CA VAL A 120 -34.22 -9.54 -19.87
C VAL A 120 -34.84 -8.59 -20.89
N GLU A 121 -34.01 -7.75 -21.52
CA GLU A 121 -34.54 -6.78 -22.47
C GLU A 121 -35.11 -7.49 -23.70
N LYS A 122 -34.39 -8.46 -24.26
CA LYS A 122 -34.90 -9.14 -25.43
C LYS A 122 -35.99 -10.16 -25.09
N GLN A 123 -35.98 -10.70 -23.86
CA GLN A 123 -36.99 -11.68 -23.46
C GLN A 123 -38.14 -11.02 -22.69
N GLY A 124 -37.83 -10.38 -21.58
CA GLY A 124 -38.82 -9.79 -20.69
C GLY A 124 -38.87 -8.28 -20.80
N ILE A 125 -39.29 -7.64 -19.70
CA ILE A 125 -39.40 -6.20 -19.63
C ILE A 125 -38.86 -5.72 -18.29
N ASP A 126 -38.48 -4.44 -18.24
CA ASP A 126 -38.05 -3.81 -17.01
C ASP A 126 -36.74 -4.43 -16.52
N LYS A 127 -36.29 -4.00 -15.33
CA LYS A 127 -35.08 -4.55 -14.73
C LYS A 127 -35.36 -5.94 -14.20
N MET A 128 -35.12 -6.97 -15.04
CA MET A 128 -35.51 -8.33 -14.72
C MET A 128 -36.89 -8.34 -14.09
N LYS A 129 -37.11 -9.19 -13.08
CA LYS A 129 -38.38 -9.23 -12.39
C LYS A 129 -39.51 -9.61 -13.34
N PHE A 130 -40.73 -9.76 -12.81
CA PHE A 130 -41.92 -10.08 -13.58
C PHE A 130 -41.86 -11.47 -14.21
N LEU A 131 -40.83 -12.25 -13.92
CA LEU A 131 -40.76 -13.65 -14.33
C LEU A 131 -40.47 -13.82 -15.82
N ASP A 132 -40.43 -12.72 -16.57
CA ASP A 132 -40.28 -12.78 -18.01
C ASP A 132 -41.40 -13.65 -18.62
N LEU A 133 -42.62 -13.45 -18.12
CA LEU A 133 -43.72 -14.32 -18.50
C LEU A 133 -44.04 -14.20 -20.00
N ILE A 134 -43.91 -12.99 -20.55
CA ILE A 134 -44.31 -12.77 -21.94
C ILE A 134 -43.53 -13.68 -22.87
N ASP A 135 -42.21 -13.72 -22.71
CA ASP A 135 -41.39 -14.57 -23.57
C ASP A 135 -41.70 -16.05 -23.35
N ARG A 136 -41.83 -16.46 -22.10
CA ARG A 136 -42.11 -17.87 -21.78
C ARG A 136 -42.63 -18.00 -20.35
N PRO A 137 -43.71 -18.75 -20.15
CA PRO A 137 -44.24 -18.94 -18.79
C PRO A 137 -43.55 -20.04 -17.99
N GLU A 138 -42.49 -20.64 -18.52
CA GLU A 138 -41.80 -21.74 -17.85
C GLU A 138 -40.51 -21.31 -17.16
N TYR A 139 -40.25 -20.00 -17.08
CA TYR A 139 -39.03 -19.51 -16.43
C TYR A 139 -39.16 -19.71 -14.91
N ASP A 140 -38.54 -20.77 -14.40
CA ASP A 140 -38.52 -21.01 -12.97
C ASP A 140 -37.61 -19.98 -12.29
N ILE A 141 -37.58 -20.03 -10.96
CA ILE A 141 -36.71 -19.13 -10.22
C ILE A 141 -35.26 -19.39 -10.57
N MET A 142 -34.85 -20.67 -10.53
CA MET A 142 -33.48 -21.00 -10.90
C MET A 142 -33.26 -20.82 -12.40
N ALA A 143 -34.29 -21.00 -13.22
CA ALA A 143 -34.13 -20.82 -14.65
C ALA A 143 -33.66 -19.40 -15.00
N VAL A 144 -33.89 -18.45 -14.11
CA VAL A 144 -33.42 -17.08 -14.28
C VAL A 144 -32.20 -16.78 -13.43
N TRP A 145 -32.14 -17.35 -12.22
CA TRP A 145 -31.01 -17.11 -11.34
C TRP A 145 -29.72 -17.71 -11.92
N ASN A 146 -29.79 -18.96 -12.38
CA ASN A 146 -28.68 -19.59 -13.07
C ASN A 146 -28.40 -18.97 -14.43
N LEU A 147 -29.31 -18.12 -14.92
CA LEU A 147 -29.02 -17.32 -16.10
C LEU A 147 -27.78 -16.45 -15.88
N SER A 148 -27.28 -16.39 -14.65
CA SER A 148 -26.07 -15.65 -14.32
C SER A 148 -24.80 -16.36 -14.74
N ARG A 149 -24.89 -17.53 -15.37
CA ARG A 149 -23.70 -18.26 -15.78
C ARG A 149 -22.80 -17.36 -16.62
N ILE A 150 -21.61 -17.07 -16.10
CA ILE A 150 -20.67 -16.20 -16.76
C ILE A 150 -19.35 -16.93 -16.99
N PHE A 151 -18.87 -17.60 -15.95
CA PHE A 151 -17.56 -18.25 -15.99
C PHE A 151 -17.62 -19.46 -15.07
N SER A 152 -17.55 -20.66 -15.64
CA SER A 152 -17.60 -21.89 -14.86
C SER A 152 -17.41 -23.10 -15.76
N ASP A 153 -17.29 -24.28 -15.14
CA ASP A 153 -17.11 -25.58 -15.77
C ASP A 153 -15.70 -25.77 -16.32
N ASN A 154 -14.85 -24.75 -16.29
CA ASN A 154 -13.46 -24.87 -16.70
C ASN A 154 -12.56 -24.05 -15.77
N VAL A 155 -12.89 -24.06 -14.47
CA VAL A 155 -12.14 -23.28 -13.50
C VAL A 155 -10.81 -23.95 -13.24
N SER A 156 -9.73 -23.16 -13.32
CA SER A 156 -8.41 -23.60 -12.90
C SER A 156 -7.89 -22.59 -11.87
N CYS A 157 -7.43 -23.10 -10.74
CA CYS A 157 -6.78 -22.29 -9.71
C CYS A 157 -5.27 -22.42 -9.81
N SER A 158 -4.76 -22.45 -11.03
CA SER A 158 -3.34 -22.66 -11.32
C SER A 158 -2.47 -21.90 -10.34
N ALA A 159 -1.58 -22.62 -9.67
CA ALA A 159 -0.73 -22.07 -8.62
C ALA A 159 0.71 -22.00 -9.17
N HIS A 160 1.05 -20.86 -9.75
CA HIS A 160 2.42 -20.61 -10.20
C HIS A 160 3.26 -20.31 -8.96
N GLU A 161 3.89 -21.37 -8.42
CA GLU A 161 4.49 -21.27 -7.10
C GLU A 161 5.71 -20.35 -7.09
N GLY A 162 6.56 -20.44 -8.11
CA GLY A 162 7.76 -19.63 -8.12
C GLY A 162 8.63 -19.95 -9.31
N SER A 163 9.91 -19.63 -9.19
CA SER A 163 10.88 -19.85 -10.25
C SER A 163 12.11 -20.53 -9.65
N SER A 164 12.97 -21.03 -10.53
CA SER A 164 14.19 -21.71 -10.12
C SER A 164 15.14 -21.79 -11.31
N ILE A 165 16.43 -21.69 -11.02
CA ILE A 165 17.42 -21.60 -12.08
C ILE A 165 17.57 -22.93 -12.81
N ILE A 166 17.54 -24.04 -12.10
CA ILE A 166 17.77 -25.33 -12.73
C ILE A 166 16.58 -25.72 -13.62
N SER A 167 15.37 -25.55 -13.12
CA SER A 167 14.15 -25.94 -13.84
C SER A 167 13.25 -24.76 -14.14
N GLY A 168 12.88 -23.98 -13.13
CA GLY A 168 12.04 -22.81 -13.35
C GLY A 168 10.64 -23.15 -13.82
N SER A 169 9.75 -22.15 -13.81
CA SER A 169 8.38 -22.32 -14.29
C SER A 169 7.66 -23.42 -13.53
N TYR A 170 7.51 -23.21 -12.23
CA TYR A 170 6.81 -24.16 -11.38
C TYR A 170 5.30 -23.95 -11.49
N VAL A 171 4.57 -25.03 -11.76
CA VAL A 171 3.14 -24.97 -12.02
C VAL A 171 2.44 -26.07 -11.21
N ASP A 172 1.13 -25.93 -11.08
CA ASP A 172 0.30 -26.86 -10.33
C ASP A 172 -1.13 -26.81 -10.86
N PRO A 173 -1.40 -27.35 -12.04
CA PRO A 173 -2.73 -27.15 -12.66
C PRO A 173 -3.87 -27.68 -11.83
N ASN A 174 -3.69 -28.80 -11.14
CA ASN A 174 -4.79 -29.44 -10.40
C ASN A 174 -4.97 -28.71 -9.07
N MET A 175 -5.99 -27.84 -9.00
CA MET A 175 -6.27 -27.17 -7.74
C MET A 175 -7.64 -26.49 -7.73
N SER A 176 -8.48 -26.87 -6.76
CA SER A 176 -9.66 -26.18 -6.24
C SER A 176 -10.91 -26.29 -7.12
N GLN A 177 -10.82 -26.80 -8.36
CA GLN A 177 -11.99 -27.14 -9.16
C GLN A 177 -13.01 -26.00 -9.31
N PRO A 178 -14.03 -26.15 -10.19
CA PRO A 178 -15.07 -25.12 -10.34
C PRO A 178 -16.18 -25.19 -9.30
N HIS A 179 -15.98 -24.58 -8.14
CA HIS A 179 -17.02 -24.56 -7.10
C HIS A 179 -18.10 -23.56 -7.53
N LEU A 180 -19.21 -24.07 -8.03
CA LEU A 180 -20.31 -23.23 -8.49
C LEU A 180 -21.17 -22.83 -7.29
N VAL A 181 -21.20 -21.54 -6.98
CA VAL A 181 -21.96 -21.02 -5.85
C VAL A 181 -22.92 -19.96 -6.37
N TYR A 182 -24.20 -20.11 -6.03
CA TYR A 182 -25.20 -19.12 -6.40
C TYR A 182 -25.00 -17.84 -5.57
N THR A 183 -25.33 -16.71 -6.18
CA THR A 183 -25.10 -15.41 -5.55
C THR A 183 -26.10 -14.41 -6.11
N THR A 184 -26.26 -13.29 -5.40
CA THR A 184 -27.13 -12.22 -5.86
C THR A 184 -26.91 -11.92 -7.34
N SER A 185 -25.68 -12.09 -7.82
CA SER A 185 -25.43 -12.01 -9.25
C SER A 185 -26.01 -13.20 -10.00
N GLY A 186 -26.26 -14.32 -9.31
CA GLY A 186 -26.91 -15.45 -9.92
C GLY A 186 -26.06 -16.71 -9.95
N GLN A 187 -24.77 -16.56 -10.26
CA GLN A 187 -23.87 -17.71 -10.29
C GLN A 187 -22.45 -17.21 -10.33
N CYS A 188 -21.60 -17.80 -9.49
CA CYS A 188 -20.21 -17.40 -9.38
C CYS A 188 -19.37 -18.66 -9.18
N ILE A 189 -18.06 -18.51 -9.37
CA ILE A 189 -17.13 -19.62 -9.19
C ILE A 189 -16.23 -19.33 -8.00
N ASN A 190 -16.63 -19.82 -6.83
CA ASN A 190 -15.80 -19.70 -5.64
C ASN A 190 -14.62 -20.65 -5.76
N ILE A 191 -13.45 -20.21 -5.33
CA ILE A 191 -12.24 -21.00 -5.46
C ILE A 191 -11.66 -21.29 -4.07
N PRO A 192 -11.89 -22.48 -3.51
CA PRO A 192 -11.34 -22.77 -2.18
C PRO A 192 -9.83 -22.89 -2.21
N ALA A 193 -9.22 -22.66 -1.04
CA ALA A 193 -7.77 -22.78 -0.88
C ALA A 193 -7.46 -24.23 -0.49
N SER A 194 -7.34 -25.06 -1.52
CA SER A 194 -7.07 -26.49 -1.29
C SER A 194 -5.73 -26.69 -0.61
N ARG A 195 -4.70 -25.95 -1.03
CA ARG A 195 -3.36 -26.11 -0.50
C ARG A 195 -2.68 -24.75 -0.40
N PRO A 196 -2.01 -24.45 0.70
CA PRO A 196 -1.19 -23.23 0.74
C PRO A 196 -0.09 -23.28 -0.32
N LEU A 197 0.23 -22.11 -0.86
CA LEU A 197 1.21 -22.02 -1.93
C LEU A 197 2.60 -21.75 -1.37
N ILE A 198 3.60 -21.93 -2.24
CA ILE A 198 5.01 -21.81 -1.88
C ILE A 198 5.54 -20.54 -2.51
N TYR A 199 6.21 -19.71 -1.70
CA TYR A 199 6.77 -18.45 -2.17
C TYR A 199 8.25 -18.64 -2.46
N ARG A 200 8.53 -19.18 -3.64
CA ARG A 200 9.89 -19.38 -4.11
C ARG A 200 10.38 -18.20 -4.96
N GLY A 201 9.56 -17.17 -5.13
CA GLY A 201 9.97 -15.99 -5.85
C GLY A 201 8.84 -14.98 -5.85
N VAL A 202 9.15 -13.79 -6.36
CA VAL A 202 8.12 -12.77 -6.49
C VAL A 202 7.01 -13.24 -7.42
N ASN A 203 7.34 -14.13 -8.35
CA ASN A 203 6.35 -14.69 -9.27
C ASN A 203 5.56 -15.78 -8.55
N THR A 204 4.78 -15.34 -7.56
CA THR A 204 3.86 -16.20 -6.82
C THR A 204 2.46 -15.67 -7.12
N PHE A 205 1.89 -16.12 -8.23
CA PHE A 205 0.59 -15.66 -8.66
C PHE A 205 -0.32 -16.86 -8.87
N VAL A 206 -1.47 -16.85 -8.21
CA VAL A 206 -2.50 -17.86 -8.40
C VAL A 206 -3.36 -17.37 -9.56
N ARG A 207 -3.45 -18.18 -10.60
CA ARG A 207 -4.17 -17.79 -11.80
C ARG A 207 -5.52 -18.49 -11.86
N ILE A 208 -6.58 -17.71 -11.97
CA ILE A 208 -7.93 -18.22 -12.15
C ILE A 208 -8.23 -18.12 -13.65
N THR A 209 -8.37 -19.27 -14.29
CA THR A 209 -8.52 -19.37 -15.73
C THR A 209 -9.80 -20.11 -16.06
N ASP A 210 -10.59 -19.55 -16.97
CA ASP A 210 -11.80 -20.17 -17.48
C ASP A 210 -11.68 -20.16 -19.00
N SER A 211 -11.03 -21.20 -19.55
CA SER A 211 -10.87 -21.33 -20.99
C SER A 211 -12.21 -21.72 -21.58
N GLN A 212 -13.11 -20.74 -21.66
CA GLN A 212 -14.48 -21.01 -22.06
C GLN A 212 -14.62 -21.49 -23.50
N PRO A 213 -15.67 -22.27 -23.78
CA PRO A 213 -15.99 -22.64 -25.18
C PRO A 213 -16.11 -21.41 -26.06
N ARG A 214 -15.48 -21.48 -27.25
CA ARG A 214 -15.49 -20.41 -28.23
C ARG A 214 -14.95 -19.10 -27.68
N ASN A 215 -14.34 -19.12 -26.50
CA ASN A 215 -13.87 -17.95 -25.78
C ASN A 215 -15.02 -17.13 -25.20
N LEU A 216 -16.27 -17.54 -25.42
CA LEU A 216 -17.43 -16.78 -24.97
C LEU A 216 -17.38 -15.34 -25.47
N ASP A 217 -17.15 -15.19 -26.78
CA ASP A 217 -17.02 -13.88 -27.39
C ASP A 217 -18.36 -13.25 -27.74
N GLU A 218 -19.47 -13.97 -27.58
CA GLU A 218 -20.80 -13.43 -27.86
C GLU A 218 -21.35 -12.82 -26.58
N VAL A 219 -21.45 -11.49 -26.55
CA VAL A 219 -21.90 -10.78 -25.36
C VAL A 219 -20.98 -11.12 -24.21
N ARG A 220 -19.68 -11.08 -24.45
CA ARG A 220 -18.72 -11.42 -23.40
C ARG A 220 -18.81 -10.40 -22.26
N PRO A 221 -18.80 -10.85 -21.01
CA PRO A 221 -18.85 -9.90 -19.89
C PRO A 221 -17.59 -9.04 -19.84
N GLU A 222 -17.74 -7.74 -20.08
CA GLU A 222 -16.58 -6.87 -20.25
C GLU A 222 -15.90 -6.54 -18.92
N ALA A 223 -16.68 -6.37 -17.85
CA ALA A 223 -16.19 -5.81 -16.60
C ALA A 223 -16.60 -6.68 -15.43
N ILE A 224 -16.34 -7.98 -15.53
CA ILE A 224 -16.73 -8.90 -14.47
C ILE A 224 -16.13 -8.44 -13.15
N GLN A 225 -16.72 -8.88 -12.05
CA GLN A 225 -16.30 -8.52 -10.71
C GLN A 225 -15.53 -9.67 -10.08
N ILE A 226 -14.51 -9.32 -9.30
CA ILE A 226 -13.64 -10.27 -8.63
C ILE A 226 -13.66 -9.91 -7.15
N TYR A 227 -14.17 -10.79 -6.31
CA TYR A 227 -14.23 -10.57 -4.88
C TYR A 227 -13.25 -11.52 -4.20
N PHE A 228 -12.27 -10.95 -3.51
CA PHE A 228 -11.33 -11.72 -2.69
C PHE A 228 -11.85 -11.72 -1.27
N HIS A 229 -12.52 -12.80 -0.88
CA HIS A 229 -13.06 -12.94 0.46
C HIS A 229 -12.34 -14.08 1.18
N GLU A 230 -12.50 -14.10 2.50
CA GLU A 230 -11.77 -15.03 3.32
C GLU A 230 -12.32 -16.45 3.14
N HIS A 231 -11.53 -17.43 3.58
CA HIS A 231 -11.84 -18.82 3.29
C HIS A 231 -13.16 -19.23 3.92
N HIS A 232 -13.91 -20.07 3.21
CA HIS A 232 -15.14 -20.66 3.71
C HIS A 232 -16.10 -19.58 4.22
N HIS A 233 -16.55 -18.73 3.30
CA HIS A 233 -17.58 -17.73 3.57
C HIS A 233 -18.60 -17.78 2.45
N ALA A 234 -19.72 -18.47 2.70
CA ALA A 234 -20.78 -18.54 1.71
C ALA A 234 -21.50 -17.19 1.59
N HIS A 235 -21.76 -16.53 2.72
CA HIS A 235 -22.53 -15.28 2.67
C HIS A 235 -21.80 -14.21 1.88
N LEU A 236 -20.48 -14.09 2.07
CA LEU A 236 -19.72 -13.08 1.34
C LEU A 236 -19.79 -13.35 -0.16
N SER A 237 -19.70 -14.61 -0.57
CA SER A 237 -19.71 -14.96 -1.98
C SER A 237 -21.10 -15.01 -2.57
N ARG A 238 -22.15 -14.98 -1.75
CA ARG A 238 -23.51 -15.16 -2.23
C ARG A 238 -24.37 -13.91 -2.15
N TYR A 239 -24.05 -12.97 -1.25
CA TYR A 239 -24.86 -11.77 -1.10
C TYR A 239 -24.03 -10.49 -0.94
N LEU A 240 -22.71 -10.53 -1.18
CA LEU A 240 -21.89 -9.33 -1.09
C LEU A 240 -20.84 -9.25 -2.18
N THR A 241 -21.04 -9.93 -3.31
CA THR A 241 -20.04 -9.91 -4.36
C THR A 241 -20.19 -8.71 -5.28
N GLY A 242 -21.39 -8.18 -5.44
CA GLY A 242 -21.60 -6.97 -6.20
C GLY A 242 -21.39 -5.69 -5.43
N LEU A 243 -21.20 -5.79 -4.11
CA LEU A 243 -20.97 -4.63 -3.25
C LEU A 243 -19.54 -4.55 -2.76
N ARG A 244 -19.03 -5.61 -2.13
CA ARG A 244 -17.70 -5.61 -1.52
C ARG A 244 -16.67 -6.25 -2.43
N GLY A 245 -16.79 -6.10 -3.75
CA GLY A 245 -15.87 -6.70 -4.67
C GLY A 245 -15.34 -5.69 -5.65
N TYR A 246 -14.20 -6.02 -6.24
CA TYR A 246 -13.48 -5.15 -7.16
C TYR A 246 -13.84 -5.51 -8.59
N ILE A 247 -14.39 -4.55 -9.33
CA ILE A 247 -14.71 -4.76 -10.73
C ILE A 247 -13.42 -4.81 -11.53
N VAL A 248 -13.34 -5.76 -12.47
CA VAL A 248 -12.11 -6.02 -13.21
C VAL A 248 -12.45 -6.14 -14.69
N PRO A 249 -11.92 -5.28 -15.56
CA PRO A 249 -12.04 -5.54 -17.00
C PRO A 249 -11.25 -6.77 -17.39
N ILE A 250 -11.77 -7.50 -18.38
CA ILE A 250 -11.14 -8.72 -18.86
C ILE A 250 -10.78 -8.65 -20.34
N ALA A 251 -10.86 -7.47 -20.94
CA ALA A 251 -10.40 -7.32 -22.31
C ALA A 251 -8.91 -7.58 -22.44
N ASN A 252 -8.17 -7.46 -21.34
CA ASN A 252 -6.74 -7.74 -21.29
C ASN A 252 -6.46 -8.60 -20.07
N PRO A 253 -5.34 -9.34 -20.06
CA PRO A 253 -5.06 -10.24 -18.94
C PRO A 253 -4.70 -9.48 -17.67
N PHE A 254 -5.70 -8.94 -16.98
CA PHE A 254 -5.44 -8.13 -15.79
C PHE A 254 -4.87 -9.00 -14.67
N ALA A 255 -3.92 -8.42 -13.94
CA ALA A 255 -3.30 -9.06 -12.80
C ALA A 255 -3.22 -8.08 -11.64
N PHE A 256 -3.63 -8.54 -10.46
CA PHE A 256 -3.63 -7.67 -9.29
C PHE A 256 -2.77 -8.26 -8.19
N SER A 257 -1.87 -7.44 -7.65
CA SER A 257 -1.17 -7.81 -6.44
C SER A 257 -2.13 -7.84 -5.26
N ILE A 258 -1.97 -8.84 -4.41
CA ILE A 258 -2.77 -8.94 -3.20
C ILE A 258 -1.86 -8.86 -1.98
N ARG A 259 -1.65 -7.65 -1.48
CA ARG A 259 -0.94 -7.51 -0.22
C ARG A 259 -1.80 -8.08 0.90
N PHE A 260 -1.17 -8.81 1.81
CA PHE A 260 -1.90 -9.51 2.86
C PHE A 260 -1.81 -8.72 4.16
N THR A 261 -2.96 -8.49 4.80
CA THR A 261 -3.03 -7.90 6.12
C THR A 261 -3.83 -8.88 6.97
N GLN A 262 -3.15 -9.86 7.54
CA GLN A 262 -3.79 -10.86 8.38
C GLN A 262 -4.01 -10.27 9.77
N ILE A 263 -5.13 -9.57 9.93
CA ILE A 263 -5.48 -8.96 11.20
C ILE A 263 -6.21 -10.01 12.02
N ASN A 264 -5.47 -10.69 12.89
CA ASN A 264 -6.05 -11.64 13.84
C ASN A 264 -6.53 -10.86 15.05
N TYR A 265 -7.78 -10.42 15.00
CA TYR A 265 -8.33 -9.70 16.13
C TYR A 265 -8.32 -10.57 17.39
N ALA A 266 -8.57 -9.94 18.52
CA ALA A 266 -8.64 -10.65 19.78
C ALA A 266 -9.99 -11.35 19.91
N ASN A 267 -10.22 -11.99 21.06
CA ASN A 267 -11.46 -12.68 21.35
C ASN A 267 -11.85 -12.39 22.80
N LYS A 268 -12.61 -11.31 23.00
CA LYS A 268 -13.13 -10.99 24.32
C LYS A 268 -14.19 -9.90 24.23
N THR A 269 -15.35 -10.13 24.85
CA THR A 269 -16.49 -9.22 24.88
C THR A 269 -17.10 -9.08 23.49
N ASP A 270 -16.45 -9.67 22.50
CA ASP A 270 -16.93 -9.85 21.14
C ASP A 270 -16.62 -11.26 20.68
N SER A 271 -16.87 -12.23 21.57
CA SER A 271 -16.30 -13.57 21.46
C SER A 271 -16.45 -14.14 20.06
N PRO A 272 -15.37 -14.22 19.29
CA PRO A 272 -15.41 -14.94 18.03
C PRO A 272 -15.19 -16.42 18.25
N CYS A 273 -14.44 -16.76 19.28
CA CYS A 273 -14.07 -18.14 19.60
C CYS A 273 -13.67 -18.87 18.31
N VAL A 274 -12.60 -18.37 17.70
CA VAL A 274 -12.14 -18.82 16.40
C VAL A 274 -13.31 -18.79 15.42
N ASP A 275 -14.00 -17.64 15.35
CA ASP A 275 -15.17 -17.48 14.50
C ASP A 275 -14.75 -17.32 13.03
N SER A 276 -14.10 -18.35 12.51
CA SER A 276 -13.60 -18.35 11.14
C SER A 276 -14.47 -19.13 10.18
N GLU A 277 -15.18 -20.15 10.67
CA GLU A 277 -16.10 -20.93 9.85
C GLU A 277 -17.55 -20.79 10.26
N GLU A 278 -17.82 -20.61 11.55
CA GLU A 278 -19.19 -20.38 12.01
C GLU A 278 -19.77 -19.10 11.41
N TYR A 279 -19.02 -18.01 11.51
CA TYR A 279 -19.42 -16.71 10.97
C TYR A 279 -20.05 -16.85 9.59
N ALA A 280 -19.44 -17.69 8.75
CA ALA A 280 -19.91 -17.85 7.38
C ALA A 280 -21.37 -18.28 7.36
N ALA A 281 -21.66 -19.46 7.91
CA ALA A 281 -23.01 -20.00 7.86
C ALA A 281 -23.98 -19.10 8.62
N CYS A 282 -23.55 -18.55 9.76
CA CYS A 282 -24.44 -17.67 10.51
C CYS A 282 -24.90 -16.50 9.65
N VAL A 283 -23.96 -15.78 9.04
CA VAL A 283 -24.35 -14.62 8.25
C VAL A 283 -25.14 -15.04 7.02
N GLU A 284 -24.80 -16.17 6.40
CA GLU A 284 -25.53 -16.61 5.21
C GLU A 284 -26.98 -16.88 5.55
N ASP A 285 -27.22 -17.69 6.58
CA ASP A 285 -28.58 -18.01 6.97
C ASP A 285 -29.30 -16.78 7.50
N PHE A 286 -28.59 -15.83 8.10
CA PHE A 286 -29.26 -14.63 8.61
C PHE A 286 -29.68 -13.71 7.46
N ILE A 287 -28.84 -13.57 6.44
CA ILE A 287 -29.22 -12.79 5.26
C ILE A 287 -30.45 -13.41 4.62
N GLU A 288 -30.42 -14.74 4.44
CA GLU A 288 -31.59 -15.40 3.86
C GLU A 288 -32.82 -15.24 4.74
N GLN A 289 -32.64 -15.29 6.06
CA GLN A 289 -33.75 -15.14 6.99
C GLN A 289 -34.36 -13.76 6.90
N ARG A 290 -33.53 -12.72 6.82
CA ARG A 290 -34.07 -11.37 6.62
C ARG A 290 -34.80 -11.26 5.29
N ILE A 291 -34.24 -11.86 4.24
CA ILE A 291 -34.90 -11.86 2.95
C ILE A 291 -36.29 -12.49 3.08
N TYR A 292 -36.40 -13.57 3.85
CA TYR A 292 -37.69 -14.21 4.06
C TYR A 292 -38.62 -13.36 4.92
N GLU A 293 -38.09 -12.72 5.96
CA GLU A 293 -38.92 -12.05 6.95
C GLU A 293 -39.48 -10.72 6.41
N LYS A 294 -38.60 -9.79 6.04
CA LYS A 294 -39.08 -8.47 5.64
C LYS A 294 -39.95 -8.56 4.40
N ALA A 295 -39.56 -9.39 3.43
CA ALA A 295 -40.40 -9.67 2.27
C ALA A 295 -41.39 -10.76 2.65
N GLN A 296 -42.65 -10.37 2.84
CA GLN A 296 -43.66 -11.30 3.31
C GLN A 296 -44.07 -12.28 2.22
N VAL A 297 -43.13 -13.13 1.81
CA VAL A 297 -43.39 -14.12 0.76
C VAL A 297 -42.71 -15.44 1.11
N GLN A 298 -43.50 -16.40 1.59
CA GLN A 298 -43.01 -17.75 1.85
C GLN A 298 -43.24 -18.69 0.68
N CYS A 299 -43.81 -18.19 -0.42
CA CYS A 299 -44.08 -19.05 -1.57
C CYS A 299 -42.80 -19.47 -2.29
N ARG A 300 -41.75 -18.67 -2.18
CA ARG A 300 -40.50 -19.02 -2.85
C ARG A 300 -39.99 -20.37 -2.37
N LEU A 301 -39.37 -21.11 -3.28
CA LEU A 301 -38.88 -22.44 -2.95
C LEU A 301 -37.89 -22.35 -1.80
N PRO A 302 -38.11 -23.05 -0.70
CA PRO A 302 -37.16 -23.06 0.43
C PRO A 302 -36.04 -24.08 0.24
N TYR A 303 -35.12 -23.76 -0.68
CA TYR A 303 -34.04 -24.67 -1.00
C TYR A 303 -34.60 -26.01 -1.48
N MET A 304 -34.73 -26.98 -0.57
CA MET A 304 -35.28 -28.27 -0.94
C MET A 304 -36.72 -28.11 -1.43
N ARG A 305 -37.02 -28.75 -2.55
CA ARG A 305 -38.37 -28.65 -3.11
C ARG A 305 -39.44 -29.19 -2.18
N PRO A 306 -39.30 -30.38 -1.58
CA PRO A 306 -40.38 -30.97 -0.77
C PRO A 306 -40.52 -30.36 0.63
N LYS A 307 -40.51 -29.03 0.69
CA LYS A 307 -40.81 -28.38 1.96
C LYS A 307 -42.00 -27.44 1.85
N LEU A 308 -42.06 -26.64 0.79
CA LEU A 308 -43.18 -25.77 0.48
C LEU A 308 -43.35 -25.70 -1.03
N PRO A 309 -44.53 -25.32 -1.51
CA PRO A 309 -44.77 -25.33 -2.96
C PRO A 309 -43.87 -24.35 -3.69
N LEU A 310 -43.55 -24.71 -4.94
CA LEU A 310 -42.74 -23.84 -5.79
C LEU A 310 -43.49 -22.57 -6.14
N CYS A 311 -42.77 -21.44 -6.11
CA CYS A 311 -43.34 -20.15 -6.51
C CYS A 311 -42.25 -19.38 -7.24
N SER A 312 -42.31 -19.39 -8.57
CA SER A 312 -41.35 -18.67 -9.40
C SER A 312 -42.01 -17.74 -10.40
N THR A 313 -43.14 -18.15 -10.97
CA THR A 313 -43.82 -17.30 -11.95
C THR A 313 -44.24 -15.96 -11.36
N PRO A 314 -44.86 -15.89 -10.19
CA PRO A 314 -45.22 -14.58 -9.64
C PRO A 314 -43.98 -13.71 -9.45
N THR A 315 -44.14 -12.42 -9.74
CA THR A 315 -43.03 -11.48 -9.61
C THR A 315 -42.50 -11.40 -8.19
N ASP A 316 -43.15 -12.07 -7.24
CA ASP A 316 -42.66 -12.15 -5.87
C ASP A 316 -41.17 -12.48 -5.83
N ALA A 317 -40.80 -13.63 -6.38
CA ALA A 317 -39.44 -14.15 -6.24
C ALA A 317 -38.40 -13.12 -6.63
N ARG A 318 -38.57 -12.49 -7.79
CA ARG A 318 -37.61 -11.49 -8.23
C ARG A 318 -37.81 -10.17 -7.47
N LYS A 319 -38.98 -9.56 -7.62
CA LYS A 319 -39.19 -8.21 -7.14
C LYS A 319 -38.97 -8.11 -5.64
N ILE A 320 -39.79 -8.80 -4.85
CA ILE A 320 -39.74 -8.58 -3.41
C ILE A 320 -38.46 -9.12 -2.78
N PHE A 321 -37.97 -10.26 -3.27
CA PHE A 321 -36.74 -10.81 -2.72
C PHE A 321 -35.54 -9.92 -3.02
N VAL A 322 -35.45 -9.38 -4.24
CA VAL A 322 -34.38 -8.43 -4.54
C VAL A 322 -34.52 -7.19 -3.68
N ALA A 323 -35.75 -6.70 -3.50
CA ALA A 323 -35.94 -5.51 -2.66
C ALA A 323 -35.44 -5.75 -1.24
N THR A 324 -35.83 -6.87 -0.64
CA THR A 324 -35.40 -7.15 0.72
C THR A 324 -33.90 -7.37 0.80
N ASP A 325 -33.34 -8.12 -0.15
CA ASP A 325 -31.89 -8.35 -0.15
C ASP A 325 -31.14 -7.02 -0.23
N ASP A 326 -31.64 -6.08 -1.04
CA ASP A 326 -31.06 -4.74 -1.07
C ASP A 326 -31.18 -4.07 0.29
N VAL A 327 -32.34 -4.23 0.94
CA VAL A 327 -32.54 -3.59 2.24
C VAL A 327 -31.52 -4.11 3.25
N ILE A 328 -31.20 -5.40 3.19
CA ILE A 328 -30.34 -6.04 4.18
C ILE A 328 -28.90 -6.03 3.66
N GLN A 329 -28.63 -5.20 2.65
CA GLN A 329 -27.28 -5.09 2.14
C GLN A 329 -26.31 -4.63 3.22
N ASN A 330 -26.72 -3.66 4.03
CA ASN A 330 -25.95 -3.21 5.17
C ASN A 330 -26.43 -4.00 6.40
N PHE A 331 -25.74 -5.10 6.71
CA PHE A 331 -26.15 -6.00 7.76
C PHE A 331 -25.18 -6.06 8.94
N GLU A 332 -23.92 -5.66 8.76
CA GLU A 332 -22.99 -5.68 9.88
C GLU A 332 -23.52 -4.90 11.06
N LYS A 333 -24.29 -3.84 10.79
CA LYS A 333 -24.99 -3.14 11.87
C LYS A 333 -26.22 -3.92 12.32
N GLU A 334 -26.91 -4.57 11.39
CA GLU A 334 -28.13 -5.29 11.73
C GLU A 334 -27.81 -6.58 12.50
N SER A 335 -26.81 -7.32 12.05
CA SER A 335 -26.41 -8.57 12.68
C SER A 335 -25.07 -8.39 13.34
N SER A 336 -24.97 -8.78 14.62
CA SER A 336 -23.75 -8.58 15.38
C SER A 336 -23.37 -9.84 16.15
N CYS A 337 -22.35 -9.73 17.01
CA CYS A 337 -21.81 -10.81 17.84
C CYS A 337 -20.91 -11.74 17.04
N LYS A 338 -20.71 -11.50 15.75
CA LYS A 338 -19.90 -12.37 14.90
C LYS A 338 -18.78 -11.55 14.27
N ARG A 339 -17.55 -12.06 14.36
CA ARG A 339 -16.39 -11.43 13.74
C ARG A 339 -15.38 -12.50 13.41
N LYS A 340 -14.80 -12.42 12.21
CA LYS A 340 -13.73 -13.33 11.82
C LYS A 340 -12.49 -12.99 12.62
N CYS A 341 -12.24 -13.74 13.69
CA CYS A 341 -11.07 -13.47 14.53
C CYS A 341 -9.78 -13.57 13.73
N GLU A 342 -9.78 -14.28 12.61
CA GLU A 342 -8.64 -14.44 11.74
C GLU A 342 -8.85 -13.74 10.40
N GLU A 343 -9.51 -12.58 10.42
CA GLU A 343 -9.79 -11.87 9.19
C GLU A 343 -8.49 -11.48 8.50
N THR A 344 -8.43 -11.73 7.19
CA THR A 344 -7.29 -11.33 6.38
C THR A 344 -7.78 -10.41 5.28
N LEU A 345 -7.17 -9.23 5.18
CA LEU A 345 -7.53 -8.21 4.23
C LEU A 345 -6.62 -8.28 3.03
N TYR A 346 -7.20 -8.18 1.84
CA TYR A 346 -6.47 -8.28 0.59
C TYR A 346 -6.37 -6.88 -0.02
N ILE A 347 -5.23 -6.23 0.19
CA ILE A 347 -4.96 -4.96 -0.47
C ILE A 347 -4.78 -5.25 -1.94
N VAL A 348 -5.77 -4.89 -2.76
CA VAL A 348 -5.73 -5.12 -4.19
C VAL A 348 -5.00 -3.94 -4.84
N GLU A 349 -3.91 -4.23 -5.54
CA GLU A 349 -3.15 -3.20 -6.23
C GLU A 349 -2.93 -3.64 -7.67
N PHE A 350 -2.67 -2.66 -8.53
CA PHE A 350 -2.48 -2.92 -9.96
C PHE A 350 -1.01 -3.17 -10.25
N MET A 351 -0.68 -4.40 -10.63
CA MET A 351 0.63 -4.72 -11.18
C MET A 351 0.50 -4.92 -12.68
N HIS A 352 1.36 -4.26 -13.45
CA HIS A 352 1.38 -4.47 -14.89
C HIS A 352 1.81 -5.90 -15.19
N LEU A 353 1.07 -6.55 -16.09
CA LEU A 353 1.35 -7.92 -16.49
C LEU A 353 1.94 -7.93 -17.89
N PHE A 354 3.02 -8.69 -18.10
CA PHE A 354 3.60 -8.93 -19.44
C PHE A 354 3.34 -10.40 -19.80
N GLU A 355 2.18 -10.67 -20.36
CA GLU A 355 1.81 -12.02 -20.77
C GLU A 355 0.66 -11.93 -21.76
N ARG A 356 0.88 -12.37 -23.00
CA ARG A 356 -0.15 -12.36 -24.03
C ARG A 356 -1.10 -13.53 -23.80
N SER A 357 -1.87 -13.44 -22.71
CA SER A 357 -2.80 -14.49 -22.33
C SER A 357 -4.05 -14.36 -23.19
N ASN A 358 -4.18 -15.22 -24.20
CA ASN A 358 -5.37 -15.24 -25.04
C ASN A 358 -6.59 -15.75 -24.30
N ILE A 359 -6.43 -16.31 -23.11
CA ILE A 359 -7.53 -16.85 -22.32
C ILE A 359 -8.63 -15.80 -22.19
N SER A 360 -9.88 -16.26 -22.12
CA SER A 360 -11.00 -15.33 -21.93
C SER A 360 -10.85 -14.55 -20.63
N ILE A 361 -10.63 -15.27 -19.53
CA ILE A 361 -10.28 -14.65 -18.25
C ILE A 361 -9.11 -15.43 -17.67
N ASP A 362 -8.04 -14.71 -17.34
CA ASP A 362 -6.83 -15.28 -16.76
C ASP A 362 -6.42 -14.49 -15.53
N MET A 363 -7.36 -14.28 -14.63
CA MET A 363 -7.13 -13.40 -13.50
C MET A 363 -5.93 -13.86 -12.68
N SER A 364 -4.85 -13.09 -12.73
CA SER A 364 -3.62 -13.42 -12.03
C SER A 364 -3.63 -12.66 -10.71
N VAL A 365 -4.04 -13.35 -9.65
CA VAL A 365 -3.94 -12.81 -8.30
C VAL A 365 -2.48 -13.01 -7.91
N TYR A 366 -1.67 -11.98 -8.12
CA TYR A 366 -0.25 -12.04 -7.81
C TYR A 366 -0.03 -11.91 -6.31
N PHE A 367 0.95 -12.65 -5.82
CA PHE A 367 1.50 -12.44 -4.48
C PHE A 367 2.98 -12.15 -4.68
N ALA A 368 3.28 -10.90 -5.01
CA ALA A 368 4.64 -10.44 -5.21
C ALA A 368 5.27 -9.95 -3.92
N TYR A 369 4.55 -10.05 -2.81
CA TYR A 369 4.98 -9.52 -1.52
C TYR A 369 4.83 -10.64 -0.50
N ASN A 370 5.87 -11.45 -0.36
CA ASN A 370 5.90 -12.44 0.71
C ASN A 370 5.77 -11.79 2.08
N TYR A 371 6.13 -10.52 2.18
CA TYR A 371 6.12 -9.80 3.45
C TYR A 371 4.67 -9.45 3.81
N ILE A 372 3.93 -10.48 4.24
CA ILE A 372 2.60 -10.25 4.75
C ILE A 372 2.68 -9.28 5.91
N GLN A 373 1.88 -8.21 5.84
CA GLN A 373 1.86 -7.18 6.88
C GLN A 373 0.99 -7.61 8.04
N VAL A 374 1.31 -8.74 8.64
CA VAL A 374 0.41 -9.32 9.64
C VAL A 374 0.30 -8.36 10.80
N ALA A 375 -0.90 -7.80 10.99
CA ALA A 375 -1.20 -6.94 12.12
C ALA A 375 -1.95 -7.72 13.19
N THR A 376 -1.22 -8.62 13.86
CA THR A 376 -1.83 -9.47 14.86
C THR A 376 -2.30 -8.64 16.04
N GLU A 377 -3.62 -8.53 16.21
CA GLU A 377 -4.20 -7.72 17.29
C GLU A 377 -4.06 -8.50 18.59
N TYR A 378 -2.83 -8.55 19.09
CA TYR A 378 -2.56 -9.28 20.32
C TYR A 378 -3.39 -8.73 21.46
N LEU A 379 -3.42 -9.49 22.56
CA LEU A 379 -4.07 -9.08 23.79
C LEU A 379 -3.01 -8.92 24.88
N THR A 380 -3.00 -7.76 25.52
CA THR A 380 -2.02 -7.46 26.55
C THR A 380 -2.50 -8.01 27.89
N TYR A 381 -2.15 -9.27 28.16
CA TYR A 381 -2.44 -9.83 29.48
C TYR A 381 -1.69 -9.07 30.56
N THR A 382 -0.51 -8.54 30.22
CA THR A 382 0.24 -7.73 31.17
C THR A 382 -0.49 -6.44 31.50
N LEU A 383 -1.53 -6.09 30.73
CA LEU A 383 -2.33 -4.91 31.05
C LEU A 383 -2.96 -5.04 32.43
N ARG A 384 -3.61 -6.18 32.68
CA ARG A 384 -4.22 -6.43 33.99
C ARG A 384 -3.15 -6.44 35.08
N GLY A 385 -2.02 -7.10 34.80
CA GLY A 385 -0.95 -7.14 35.78
C GLY A 385 -0.45 -5.75 36.16
N LEU A 386 -0.31 -4.87 35.17
CA LEU A 386 0.18 -3.51 35.44
C LEU A 386 -0.87 -2.69 36.18
N LEU A 387 -2.12 -2.78 35.75
CA LEU A 387 -3.17 -2.04 36.45
C LEU A 387 -3.32 -2.53 37.89
N SER A 388 -2.95 -3.79 38.16
CA SER A 388 -2.83 -4.24 39.54
C SER A 388 -1.57 -3.76 40.24
N ASP A 389 -0.45 -3.67 39.52
CA ASP A 389 0.76 -3.05 40.05
C ASP A 389 0.47 -1.63 40.53
N ILE A 390 -0.50 -0.97 39.92
CA ILE A 390 -0.93 0.33 40.38
C ILE A 390 -1.15 0.32 41.89
N GLY A 391 -1.40 -0.85 42.47
CA GLY A 391 -1.42 -0.97 43.92
C GLY A 391 -0.11 -0.57 44.55
N GLY A 392 0.99 -0.71 43.81
CA GLY A 392 2.26 -0.24 44.33
C GLY A 392 2.29 1.27 44.53
N VAL A 393 1.78 2.02 43.55
CA VAL A 393 1.69 3.47 43.72
C VAL A 393 0.63 3.81 44.77
N LEU A 394 -0.38 2.94 44.89
CA LEU A 394 -1.31 3.04 46.02
C LEU A 394 -0.55 3.04 47.34
N GLY A 395 0.33 2.05 47.52
CA GLY A 395 1.11 1.97 48.73
C GLY A 395 2.04 3.15 48.90
N LEU A 396 2.59 3.67 47.80
CA LEU A 396 3.44 4.84 47.91
C LEU A 396 2.67 6.09 48.34
N PHE A 397 1.44 6.27 47.87
CA PHE A 397 0.62 7.31 48.48
C PHE A 397 0.39 7.03 49.96
N LEU A 398 0.05 5.79 50.30
CA LEU A 398 -0.19 5.45 51.70
C LEU A 398 1.01 5.83 52.57
N GLY A 399 2.22 5.69 52.05
CA GLY A 399 3.38 6.16 52.77
C GLY A 399 3.34 7.65 53.03
N ILE A 400 2.82 8.41 52.07
CA ILE A 400 2.69 9.85 52.21
C ILE A 400 1.77 10.18 53.37
N VAL B 63 2.07 -19.07 53.02
CA VAL B 63 2.47 -18.04 52.07
C VAL B 63 3.40 -18.63 51.03
N VAL B 64 3.71 -19.92 51.18
CA VAL B 64 4.55 -20.61 50.20
C VAL B 64 3.86 -20.65 48.84
N PHE B 65 2.54 -20.81 48.84
CA PHE B 65 1.79 -20.79 47.59
C PHE B 65 1.96 -19.46 46.87
N CYS B 66 1.80 -18.35 47.60
CA CYS B 66 1.99 -17.04 47.00
C CYS B 66 3.42 -16.86 46.53
N PHE B 67 4.39 -17.36 47.30
CA PHE B 67 5.78 -17.27 46.88
C PHE B 67 6.00 -18.00 45.57
N GLY B 68 5.41 -19.19 45.42
CA GLY B 68 5.56 -19.93 44.17
C GLY B 68 4.91 -19.23 43.01
N ILE B 69 3.70 -18.69 43.21
CA ILE B 69 3.03 -17.98 42.13
C ILE B 69 3.84 -16.75 41.72
N SER B 70 4.44 -16.06 42.70
CA SER B 70 5.27 -14.91 42.38
C SER B 70 6.54 -15.34 41.65
N ALA B 71 7.11 -16.49 42.03
CA ALA B 71 8.26 -17.00 41.29
C ALA B 71 7.89 -17.28 39.85
N HIS B 72 6.70 -17.85 39.62
CA HIS B 72 6.23 -18.06 38.25
C HIS B 72 6.07 -16.73 37.53
N GLN B 73 5.54 -15.72 38.21
CA GLN B 73 5.39 -14.41 37.58
C GLN B 73 6.75 -13.84 37.17
N ILE B 74 7.75 -13.97 38.03
CA ILE B 74 9.08 -13.49 37.69
C ILE B 74 9.68 -14.32 36.56
N ALA B 75 9.36 -15.61 36.50
CA ALA B 75 9.84 -16.45 35.41
C ALA B 75 9.26 -15.98 34.07
N MET B 76 7.96 -15.66 34.05
CA MET B 76 7.39 -15.06 32.86
C MET B 76 8.06 -13.73 32.54
N HIS B 77 8.38 -12.95 33.58
CA HIS B 77 9.12 -11.71 33.39
C HIS B 77 10.42 -11.96 32.63
N VAL B 78 11.22 -12.90 33.12
CA VAL B 78 12.52 -13.16 32.50
C VAL B 78 12.34 -13.70 31.09
N LEU B 79 11.34 -14.56 30.88
CA LEU B 79 11.10 -15.10 29.56
C LEU B 79 10.74 -13.98 28.58
N ASP B 80 9.90 -13.05 29.00
CA ASP B 80 9.58 -11.91 28.14
C ASP B 80 10.78 -10.99 27.96
N TYR B 81 11.73 -11.00 28.89
CA TYR B 81 12.89 -10.13 28.79
C TYR B 81 13.62 -10.35 27.48
N LEU B 82 13.82 -11.60 27.09
CA LEU B 82 14.50 -11.91 25.83
C LEU B 82 13.68 -11.40 24.66
N SER B 83 14.28 -10.55 23.83
CA SER B 83 13.62 -10.05 22.63
C SER B 83 12.42 -9.19 22.97
N GLU B 84 11.22 -9.77 22.83
CA GLU B 84 9.96 -9.05 23.02
C GLU B 84 9.90 -7.78 22.16
N PRO B 85 10.12 -7.90 20.85
CA PRO B 85 10.12 -6.72 19.99
C PRO B 85 8.70 -6.37 19.56
N VAL B 86 8.26 -5.17 19.92
CA VAL B 86 6.94 -4.67 19.54
C VAL B 86 7.13 -3.52 18.56
N ALA B 87 6.31 -3.50 17.51
CA ALA B 87 6.41 -2.43 16.52
C ALA B 87 5.88 -1.15 17.13
N VAL B 88 6.71 -0.51 17.96
CA VAL B 88 6.23 0.64 18.74
C VAL B 88 5.74 1.74 17.82
N ARG B 89 6.50 2.05 16.77
CA ARG B 89 6.19 3.17 15.90
C ARG B 89 6.20 2.69 14.46
N ILE B 90 5.03 2.38 13.93
CA ILE B 90 4.79 2.37 12.50
C ILE B 90 4.26 3.75 12.17
N ASP B 91 5.18 4.70 11.98
CA ASP B 91 4.80 6.09 11.77
C ASP B 91 5.29 6.57 10.41
N PHE B 92 4.56 7.53 9.88
CA PHE B 92 4.79 8.05 8.53
C PHE B 92 5.63 9.31 8.64
N VAL B 93 6.94 9.14 8.48
CA VAL B 93 7.89 10.24 8.62
C VAL B 93 8.23 10.78 7.24
N ALA B 94 8.16 12.11 7.10
CA ALA B 94 8.49 12.78 5.85
C ALA B 94 9.78 13.58 6.06
N GLN B 95 10.79 13.27 5.24
CA GLN B 95 12.06 13.95 5.32
C GLN B 95 12.59 14.20 3.91
N ASN B 96 13.36 15.28 3.76
CA ASN B 96 14.04 15.53 2.49
C ASN B 96 15.01 14.40 2.17
N GLU B 97 15.76 13.95 3.17
CA GLU B 97 16.69 12.85 2.98
C GLU B 97 15.95 11.59 2.54
N LEU B 98 16.48 10.93 1.51
CA LEU B 98 15.88 9.72 0.98
C LEU B 98 16.94 8.62 0.92
N ARG B 99 16.60 7.45 1.44
CA ARG B 99 17.48 6.28 1.41
C ARG B 99 17.11 5.47 0.18
N ILE B 100 17.84 5.69 -0.91
CA ILE B 100 17.48 5.09 -2.19
C ILE B 100 17.72 3.58 -2.12
N PRO B 101 16.86 2.75 -2.70
CA PRO B 101 17.14 1.32 -2.75
C PRO B 101 18.34 1.00 -3.62
N GLU B 102 19.00 -0.11 -3.30
CA GLU B 102 20.05 -0.62 -4.17
C GLU B 102 19.40 -1.40 -5.31
N ILE B 103 19.52 -0.89 -6.52
CA ILE B 103 18.82 -1.44 -7.68
C ILE B 103 19.76 -2.38 -8.42
N THR B 104 19.28 -3.57 -8.72
CA THR B 104 19.95 -4.52 -9.60
C THR B 104 19.07 -4.71 -10.83
N VAL B 105 19.62 -4.39 -12.00
CA VAL B 105 18.90 -4.48 -13.27
C VAL B 105 19.48 -5.68 -14.00
N CYS B 106 18.81 -6.82 -13.89
CA CYS B 106 19.38 -8.08 -14.36
C CYS B 106 18.27 -8.90 -15.00
N PRO B 107 18.58 -9.68 -16.05
CA PRO B 107 17.59 -10.65 -16.53
C PRO B 107 17.38 -11.75 -15.49
N ARG B 108 16.15 -12.20 -15.35
CA ARG B 108 15.80 -13.01 -14.18
C ARG B 108 16.64 -14.28 -14.11
N ILE B 109 16.64 -15.07 -15.19
CA ILE B 109 17.32 -16.37 -15.20
C ILE B 109 17.77 -16.68 -16.61
N PHE B 110 18.72 -17.60 -16.73
CA PHE B 110 19.27 -17.95 -18.04
C PHE B 110 18.20 -18.55 -18.94
N GLN B 111 17.39 -19.47 -18.40
CA GLN B 111 16.33 -20.08 -19.21
C GLN B 111 15.24 -19.07 -19.55
N GLN B 112 14.84 -18.27 -18.57
CA GLN B 112 13.79 -17.27 -18.82
C GLN B 112 14.28 -16.20 -19.80
N ASN B 113 15.50 -15.71 -19.61
CA ASN B 113 16.00 -14.64 -20.46
C ASN B 113 16.07 -15.10 -21.90
N THR B 114 15.60 -14.24 -22.81
CA THR B 114 15.64 -14.57 -24.23
C THR B 114 17.06 -14.58 -24.77
N ILE B 115 17.93 -13.70 -24.26
CA ILE B 115 19.29 -13.60 -24.80
C ILE B 115 20.05 -14.90 -24.60
N PHE B 116 20.06 -15.41 -23.36
CA PHE B 116 20.82 -16.62 -23.06
C PHE B 116 20.23 -17.82 -23.79
N THR B 117 18.89 -17.92 -23.79
CA THR B 117 18.25 -19.05 -24.47
C THR B 117 18.59 -19.06 -25.95
N ASP B 118 18.51 -17.89 -26.60
CA ASP B 118 18.84 -17.82 -28.02
C ASP B 118 20.30 -18.16 -28.27
N MET B 119 21.19 -17.60 -27.44
CA MET B 119 22.62 -17.87 -27.61
C MET B 119 22.90 -19.37 -27.50
N VAL B 120 22.34 -20.01 -26.47
CA VAL B 120 22.61 -21.43 -26.27
C VAL B 120 21.97 -22.26 -27.37
N GLU B 121 20.78 -21.88 -27.81
CA GLU B 121 20.08 -22.65 -28.84
C GLU B 121 20.84 -22.61 -30.16
N LYS B 122 21.26 -21.42 -30.58
CA LYS B 122 21.98 -21.33 -31.85
C LYS B 122 23.42 -21.82 -31.74
N GLN B 123 24.03 -21.73 -30.55
CA GLN B 123 25.41 -22.18 -30.37
C GLN B 123 25.47 -23.60 -29.82
N GLY B 124 24.89 -23.83 -28.65
CA GLY B 124 24.96 -25.11 -27.96
C GLY B 124 23.66 -25.89 -28.04
N ILE B 125 23.43 -26.73 -27.04
CA ILE B 125 22.23 -27.55 -26.97
C ILE B 125 21.71 -27.54 -25.54
N ASP B 126 20.42 -27.85 -25.40
CA ASP B 126 19.81 -27.99 -24.08
C ASP B 126 19.76 -26.65 -23.36
N LYS B 127 19.31 -26.66 -22.11
CA LYS B 127 19.26 -25.44 -21.30
C LYS B 127 20.67 -25.06 -20.86
N MET B 128 21.35 -24.23 -21.64
CA MET B 128 22.76 -23.93 -21.44
C MET B 128 23.50 -25.21 -21.08
N LYS B 129 24.45 -25.13 -20.16
CA LYS B 129 25.18 -26.32 -19.72
C LYS B 129 25.95 -26.94 -20.87
N PHE B 130 26.73 -27.98 -20.59
CA PHE B 130 27.50 -28.73 -21.58
C PHE B 130 28.60 -27.90 -22.21
N LEU B 131 28.82 -26.66 -21.75
CA LEU B 131 29.96 -25.86 -22.17
C LEU B 131 29.79 -25.29 -23.57
N ASP B 132 28.73 -25.68 -24.27
CA ASP B 132 28.56 -25.29 -25.67
C ASP B 132 29.78 -25.72 -26.49
N LEU B 133 30.26 -26.94 -26.22
CA LEU B 133 31.50 -27.41 -26.85
C LEU B 133 31.38 -27.49 -28.36
N ILE B 134 30.20 -27.90 -28.86
CA ILE B 134 30.05 -28.13 -30.29
C ILE B 134 30.36 -26.87 -31.08
N ASP B 135 29.79 -25.73 -30.67
CA ASP B 135 30.03 -24.49 -31.37
C ASP B 135 31.49 -24.05 -31.24
N ARG B 136 32.05 -24.16 -30.05
CA ARG B 136 33.44 -23.75 -29.82
C ARG B 136 33.96 -24.36 -28.52
N PRO B 137 35.16 -24.94 -28.53
CA PRO B 137 35.74 -25.51 -27.31
C PRO B 137 36.44 -24.50 -26.42
N GLU B 138 36.40 -23.21 -26.74
CA GLU B 138 37.09 -22.18 -25.97
C GLU B 138 36.17 -21.41 -25.04
N TYR B 139 34.93 -21.84 -24.88
CA TYR B 139 33.99 -21.15 -24.00
C TYR B 139 34.39 -21.40 -22.55
N ASP B 140 35.06 -20.42 -21.95
CA ASP B 140 35.42 -20.50 -20.54
C ASP B 140 34.16 -20.36 -19.68
N ILE B 141 34.34 -20.51 -18.37
CA ILE B 141 33.21 -20.33 -17.46
C ILE B 141 32.70 -18.89 -17.52
N MET B 142 33.61 -17.93 -17.43
CA MET B 142 33.21 -16.53 -17.55
C MET B 142 32.77 -16.20 -18.97
N ALA B 143 33.34 -16.87 -19.97
CA ALA B 143 32.94 -16.59 -21.35
C ALA B 143 31.46 -16.84 -21.57
N VAL B 144 30.83 -17.64 -20.72
CA VAL B 144 29.40 -17.89 -20.78
C VAL B 144 28.64 -17.13 -19.70
N TRP B 145 29.25 -16.99 -18.52
CA TRP B 145 28.58 -16.27 -17.43
C TRP B 145 28.43 -14.79 -17.76
N ASN B 146 29.49 -14.15 -18.26
CA ASN B 146 29.42 -12.78 -18.74
C ASN B 146 28.59 -12.64 -20.01
N LEU B 147 28.24 -13.76 -20.65
CA LEU B 147 27.27 -13.72 -21.72
C LEU B 147 25.94 -13.13 -21.27
N SER B 148 25.79 -12.92 -19.95
CA SER B 148 24.60 -12.31 -19.38
C SER B 148 24.55 -10.80 -19.57
N ARG B 149 25.55 -10.21 -20.24
CA ARG B 149 25.56 -8.77 -20.42
C ARG B 149 24.26 -8.30 -21.05
N ILE B 150 23.49 -7.51 -20.30
CA ILE B 150 22.19 -7.04 -20.76
C ILE B 150 22.17 -5.51 -20.74
N PHE B 151 22.64 -4.93 -19.65
CA PHE B 151 22.57 -3.48 -19.44
C PHE B 151 23.75 -3.08 -18.58
N SER B 152 24.70 -2.35 -19.16
CA SER B 152 25.87 -1.90 -18.42
C SER B 152 26.74 -0.99 -19.29
N ASP B 153 27.77 -0.41 -18.68
CA ASP B 153 28.75 0.49 -19.29
C ASP B 153 28.17 1.88 -19.56
N ASN B 154 26.88 2.09 -19.35
CA ASN B 154 26.26 3.41 -19.49
C ASN B 154 25.23 3.62 -18.39
N VAL B 155 25.53 3.14 -17.18
CA VAL B 155 24.60 3.24 -16.07
C VAL B 155 24.56 4.67 -15.56
N SER B 156 23.36 5.22 -15.42
CA SER B 156 23.14 6.49 -14.77
C SER B 156 22.13 6.28 -13.65
N CYS B 157 22.48 6.75 -12.46
CA CYS B 157 21.57 6.74 -11.31
C CYS B 157 20.95 8.12 -11.11
N SER B 158 20.59 8.77 -12.22
CA SER B 158 20.06 10.12 -12.23
C SER B 158 19.08 10.33 -11.09
N ALA B 159 19.35 11.34 -10.27
CA ALA B 159 18.57 11.64 -9.08
C ALA B 159 17.76 12.91 -9.34
N HIS B 160 16.54 12.74 -9.82
CA HIS B 160 15.62 13.85 -9.99
C HIS B 160 15.09 14.23 -8.61
N GLU B 161 15.77 15.20 -7.98
CA GLU B 161 15.54 15.47 -6.57
C GLU B 161 14.15 16.05 -6.32
N GLY B 162 13.71 16.97 -7.14
CA GLY B 162 12.42 17.60 -6.92
C GLY B 162 12.15 18.69 -7.93
N SER B 163 11.26 19.61 -7.55
CA SER B 163 10.87 20.72 -8.40
C SER B 163 10.93 22.01 -7.60
N SER B 164 10.85 23.13 -8.32
CA SER B 164 10.91 24.45 -7.69
C SER B 164 10.39 25.48 -8.68
N ILE B 165 9.71 26.49 -8.14
CA ILE B 165 9.03 27.46 -9.00
C ILE B 165 10.03 28.35 -9.72
N ILE B 166 11.09 28.76 -9.03
CA ILE B 166 12.04 29.70 -9.64
C ILE B 166 12.84 29.02 -10.74
N SER B 167 13.34 27.82 -10.48
CA SER B 167 14.18 27.09 -11.43
C SER B 167 13.56 25.78 -11.88
N GLY B 168 13.17 24.92 -10.94
CA GLY B 168 12.54 23.65 -11.29
C GLY B 168 13.46 22.71 -12.03
N SER B 169 13.02 21.45 -12.16
CA SER B 169 13.77 20.43 -12.91
C SER B 169 15.17 20.25 -12.32
N TYR B 170 15.20 19.81 -11.06
CA TYR B 170 16.45 19.54 -10.38
C TYR B 170 16.98 18.17 -10.78
N VAL B 171 18.24 18.12 -11.20
CA VAL B 171 18.86 16.91 -11.72
C VAL B 171 20.24 16.73 -11.09
N ASP B 172 20.76 15.51 -11.22
CA ASP B 172 22.06 15.15 -10.65
C ASP B 172 22.65 13.99 -11.45
N PRO B 173 23.12 14.22 -12.66
CA PRO B 173 23.51 13.08 -13.52
C PRO B 173 24.62 12.22 -12.94
N ASN B 174 25.58 12.82 -12.25
CA ASN B 174 26.74 12.10 -11.73
C ASN B 174 26.35 11.37 -10.46
N MET B 175 26.09 10.06 -10.56
CA MET B 175 25.78 9.28 -9.37
C MET B 175 25.86 7.77 -9.61
N SER B 176 26.70 7.10 -8.82
CA SER B 176 26.73 5.67 -8.53
C SER B 176 27.33 4.79 -9.63
N GLN B 177 27.58 5.31 -10.84
CA GLN B 177 28.36 4.60 -11.86
C GLN B 177 27.83 3.19 -12.18
N PRO B 178 28.38 2.53 -13.23
CA PRO B 178 27.96 1.16 -13.56
C PRO B 178 28.66 0.08 -12.75
N HIS B 179 28.17 -0.24 -11.56
CA HIS B 179 28.78 -1.29 -10.74
C HIS B 179 28.38 -2.64 -11.35
N LEU B 180 29.31 -3.27 -12.07
CA LEU B 180 29.05 -4.55 -12.71
C LEU B 180 29.25 -5.67 -11.70
N VAL B 181 28.18 -6.38 -11.37
CA VAL B 181 28.23 -7.46 -10.39
C VAL B 181 27.71 -8.73 -11.06
N TYR B 182 28.49 -9.80 -10.97
CA TYR B 182 28.07 -11.09 -11.51
C TYR B 182 26.96 -11.68 -10.65
N THR B 183 26.06 -12.43 -11.27
CA THR B 183 24.90 -12.97 -10.60
C THR B 183 24.46 -14.24 -11.31
N THR B 184 23.63 -15.03 -10.62
CA THR B 184 23.08 -16.24 -11.23
C THR B 184 22.55 -15.97 -12.62
N SER B 185 22.05 -14.75 -12.86
CA SER B 185 21.69 -14.35 -14.21
C SER B 185 22.92 -14.15 -15.09
N GLY B 186 24.09 -13.91 -14.48
CA GLY B 186 25.33 -13.81 -15.22
C GLY B 186 26.00 -12.46 -15.11
N GLN B 187 25.22 -11.38 -15.17
CA GLN B 187 25.78 -10.04 -15.05
C GLN B 187 24.65 -9.06 -14.81
N CYS B 188 24.84 -8.18 -13.83
CA CYS B 188 23.85 -7.20 -13.45
C CYS B 188 24.56 -5.89 -13.13
N ILE B 189 23.77 -4.83 -13.05
CA ILE B 189 24.30 -3.51 -12.72
C ILE B 189 23.76 -3.07 -11.38
N ASN B 190 24.50 -3.35 -10.32
CA ASN B 190 24.13 -2.88 -8.98
C ASN B 190 24.37 -1.38 -8.90
N ILE B 191 23.47 -0.68 -8.24
CA ILE B 191 23.56 0.78 -8.15
C ILE B 191 23.68 1.19 -6.68
N PRO B 192 24.88 1.50 -6.19
CA PRO B 192 25.03 1.90 -4.80
C PRO B 192 24.40 3.26 -4.53
N ALA B 193 24.04 3.48 -3.27
CA ALA B 193 23.46 4.75 -2.83
C ALA B 193 24.60 5.67 -2.43
N SER B 194 25.16 6.36 -3.43
CA SER B 194 26.29 7.24 -3.18
C SER B 194 25.90 8.39 -2.26
N ARG B 195 24.72 8.97 -2.47
CA ARG B 195 24.27 10.12 -1.68
C ARG B 195 22.77 10.01 -1.44
N PRO B 196 22.30 10.26 -0.21
CA PRO B 196 20.85 10.35 0.00
C PRO B 196 20.25 11.47 -0.83
N LEU B 197 19.02 11.26 -1.28
CA LEU B 197 18.35 12.22 -2.14
C LEU B 197 17.50 13.19 -1.32
N ILE B 198 17.08 14.27 -1.98
CA ILE B 198 16.34 15.36 -1.36
C ILE B 198 14.90 15.29 -1.85
N TYR B 199 13.95 15.30 -0.92
CA TYR B 199 12.53 15.24 -1.25
C TYR B 199 11.96 16.65 -1.25
N ARG B 200 12.16 17.34 -2.37
CA ARG B 200 11.62 18.67 -2.57
C ARG B 200 10.27 18.64 -3.28
N GLY B 201 9.75 17.46 -3.59
CA GLY B 201 8.44 17.33 -4.20
C GLY B 201 8.12 15.87 -4.39
N VAL B 202 6.87 15.63 -4.81
CA VAL B 202 6.47 14.26 -5.12
C VAL B 202 7.31 13.70 -6.24
N ASN B 203 7.82 14.56 -7.12
CA ASN B 203 8.69 14.13 -8.22
C ASN B 203 10.09 13.88 -7.69
N THR B 204 10.19 12.85 -6.85
CA THR B 204 11.47 12.37 -6.32
C THR B 204 11.65 10.96 -6.86
N PHE B 205 12.19 10.87 -8.07
CA PHE B 205 12.37 9.59 -8.74
C PHE B 205 13.83 9.45 -9.14
N VAL B 206 14.44 8.35 -8.71
CA VAL B 206 15.80 8.01 -9.12
C VAL B 206 15.67 7.20 -10.40
N ARG B 207 16.30 7.69 -11.46
CA ARG B 207 16.17 7.07 -12.77
C ARG B 207 17.43 6.28 -13.10
N ILE B 208 17.25 5.00 -13.40
CA ILE B 208 18.32 4.13 -13.85
C ILE B 208 18.22 4.06 -15.36
N THR B 209 19.21 4.62 -16.04
CA THR B 209 19.21 4.76 -17.49
C THR B 209 20.44 4.08 -18.07
N ASP B 210 20.22 3.27 -19.11
CA ASP B 210 21.29 2.62 -19.85
C ASP B 210 21.06 2.96 -21.32
N SER B 211 21.58 4.10 -21.75
CA SER B 211 21.45 4.54 -23.14
C SER B 211 22.39 3.68 -23.99
N GLN B 212 21.96 2.43 -24.20
CA GLN B 212 22.80 1.46 -24.87
C GLN B 212 23.13 1.80 -26.32
N PRO B 213 24.29 1.33 -26.82
CA PRO B 213 24.61 1.47 -28.25
C PRO B 213 23.49 0.91 -29.12
N ARG B 214 23.13 1.65 -30.15
CA ARG B 214 22.09 1.27 -31.11
C ARG B 214 20.75 1.00 -30.44
N ASN B 215 20.60 1.35 -29.16
CA ASN B 215 19.44 1.05 -28.34
C ASN B 215 19.34 -0.43 -27.99
N LEU B 216 20.28 -1.25 -28.45
CA LEU B 216 20.23 -2.70 -28.20
C LEU B 216 18.90 -3.29 -28.67
N ASP B 217 18.52 -2.96 -29.89
CA ASP B 217 17.25 -3.40 -30.46
C ASP B 217 17.30 -4.80 -31.04
N GLU B 218 18.48 -5.43 -31.10
CA GLU B 218 18.63 -6.78 -31.63
C GLU B 218 18.51 -7.76 -30.46
N VAL B 219 17.40 -8.50 -30.43
CA VAL B 219 17.13 -9.43 -29.34
C VAL B 219 17.11 -8.65 -28.02
N ARG B 220 16.42 -7.52 -28.01
CA ARG B 220 16.37 -6.70 -26.81
C ARG B 220 15.65 -7.45 -25.70
N PRO B 221 16.18 -7.43 -24.47
CA PRO B 221 15.50 -8.10 -23.36
C PRO B 221 14.16 -7.46 -23.05
N GLU B 222 13.08 -8.20 -23.29
CA GLU B 222 11.74 -7.62 -23.22
C GLU B 222 11.27 -7.40 -21.78
N ALA B 223 11.61 -8.32 -20.88
CA ALA B 223 11.03 -8.37 -19.55
C ALA B 223 12.12 -8.48 -18.49
N ILE B 224 13.12 -7.60 -18.57
CA ILE B 224 14.21 -7.65 -17.62
C ILE B 224 13.67 -7.56 -16.20
N GLN B 225 14.46 -8.02 -15.24
CA GLN B 225 14.10 -8.05 -13.84
C GLN B 225 14.79 -6.92 -13.09
N ILE B 226 14.07 -6.34 -12.13
CA ILE B 226 14.57 -5.24 -11.33
C ILE B 226 14.42 -5.65 -9.87
N TYR B 227 15.52 -5.79 -9.16
CA TYR B 227 15.52 -6.18 -7.76
C TYR B 227 15.95 -4.98 -6.93
N PHE B 228 15.07 -4.54 -6.04
CA PHE B 228 15.37 -3.47 -5.09
C PHE B 228 15.78 -4.15 -3.78
N HIS B 229 17.08 -4.24 -3.56
CA HIS B 229 17.61 -4.84 -2.34
C HIS B 229 18.33 -3.78 -1.52
N GLU B 230 18.57 -4.11 -0.25
CA GLU B 230 19.12 -3.15 0.67
C GLU B 230 20.59 -2.89 0.36
N HIS B 231 21.12 -1.80 0.92
CA HIS B 231 22.44 -1.32 0.56
C HIS B 231 23.50 -2.36 0.92
N HIS B 232 24.52 -2.47 0.06
CA HIS B 232 25.68 -3.32 0.30
C HIS B 232 25.27 -4.75 0.64
N HIS B 233 24.64 -5.41 -0.33
CA HIS B 233 24.29 -6.83 -0.24
C HIS B 233 24.71 -7.49 -1.54
N ALA B 234 25.87 -8.14 -1.52
CA ALA B 234 26.33 -8.88 -2.70
C ALA B 234 25.50 -10.13 -2.93
N HIS B 235 25.18 -10.87 -1.86
CA HIS B 235 24.46 -12.13 -2.03
C HIS B 235 23.09 -11.91 -2.64
N LEU B 236 22.36 -10.87 -2.20
CA LEU B 236 21.05 -10.60 -2.76
C LEU B 236 21.14 -10.30 -4.24
N SER B 237 22.15 -9.54 -4.65
CA SER B 237 22.31 -9.15 -6.04
C SER B 237 22.95 -10.23 -6.90
N ARG B 238 23.52 -11.26 -6.29
CA ARG B 238 24.29 -12.26 -7.02
C ARG B 238 23.61 -13.62 -7.08
N TYR B 239 22.74 -13.96 -6.12
CA TYR B 239 22.11 -15.26 -6.11
C TYR B 239 20.62 -15.21 -5.77
N LEU B 240 20.00 -14.03 -5.75
CA LEU B 240 18.57 -13.94 -5.48
C LEU B 240 17.87 -12.90 -6.35
N THR B 241 18.43 -12.57 -7.51
CA THR B 241 17.82 -11.55 -8.35
C THR B 241 16.73 -12.13 -9.26
N GLY B 242 16.84 -13.40 -9.64
CA GLY B 242 15.81 -14.06 -10.40
C GLY B 242 14.68 -14.62 -9.57
N LEU B 243 14.82 -14.63 -8.25
CA LEU B 243 13.80 -15.14 -7.34
C LEU B 243 13.09 -14.03 -6.57
N ARG B 244 13.84 -13.17 -5.89
CA ARG B 244 13.28 -12.13 -5.04
C ARG B 244 13.22 -10.78 -5.73
N GLY B 245 13.00 -10.76 -7.05
CA GLY B 245 12.98 -9.53 -7.80
C GLY B 245 11.72 -9.42 -8.64
N TYR B 246 11.41 -8.19 -9.01
CA TYR B 246 10.20 -7.87 -9.75
C TYR B 246 10.53 -7.77 -11.24
N ILE B 247 9.88 -8.60 -12.04
CA ILE B 247 10.07 -8.55 -13.49
C ILE B 247 9.40 -7.29 -14.02
N VAL B 248 10.07 -6.61 -14.95
CA VAL B 248 9.62 -5.32 -15.45
C VAL B 248 9.72 -5.31 -16.97
N PRO B 249 8.62 -5.15 -17.70
CA PRO B 249 8.75 -4.90 -19.14
C PRO B 249 9.40 -3.55 -19.39
N ILE B 250 10.16 -3.47 -20.48
CA ILE B 250 10.88 -2.26 -20.85
C ILE B 250 10.47 -1.76 -22.24
N ALA B 251 9.42 -2.32 -22.82
CA ALA B 251 8.91 -1.79 -24.08
C ALA B 251 8.41 -0.37 -23.91
N ASN B 252 8.07 0.04 -22.70
CA ASN B 252 7.63 1.39 -22.38
C ASN B 252 8.38 1.86 -21.14
N PRO B 253 8.47 3.18 -20.94
CA PRO B 253 9.25 3.70 -19.80
C PRO B 253 8.56 3.44 -18.47
N PHE B 254 8.64 2.20 -17.99
CA PHE B 254 7.96 1.83 -16.75
C PHE B 254 8.55 2.57 -15.55
N ALA B 255 7.67 2.99 -14.64
CA ALA B 255 8.06 3.65 -13.41
C ALA B 255 7.30 3.05 -12.24
N PHE B 256 8.02 2.75 -11.17
CA PHE B 256 7.40 2.14 -10.01
C PHE B 256 7.61 2.99 -8.78
N SER B 257 6.53 3.26 -8.06
CA SER B 257 6.64 3.87 -6.74
C SER B 257 7.26 2.88 -5.78
N ILE B 258 8.16 3.36 -4.92
CA ILE B 258 8.76 2.53 -3.89
C ILE B 258 8.39 3.09 -2.53
N ARG B 259 7.29 2.59 -1.97
CA ARG B 259 6.97 2.93 -0.59
C ARG B 259 8.00 2.31 0.33
N PHE B 260 8.43 3.06 1.34
CA PHE B 260 9.50 2.62 2.21
C PHE B 260 8.92 2.11 3.53
N THR B 261 9.35 0.91 3.92
CA THR B 261 9.02 0.35 5.23
C THR B 261 10.35 0.01 5.89
N GLN B 262 10.93 0.99 6.56
CA GLN B 262 12.21 0.81 7.24
C GLN B 262 11.95 0.11 8.57
N ILE B 263 11.90 -1.21 8.52
CA ILE B 263 11.68 -2.02 9.73
C ILE B 263 13.05 -2.25 10.37
N ASN B 264 13.37 -1.42 11.35
CA ASN B 264 14.59 -1.59 12.14
C ASN B 264 14.27 -2.57 13.26
N TYR B 265 14.48 -3.85 12.99
CA TYR B 265 14.25 -4.87 14.00
C TYR B 265 15.14 -4.61 15.22
N ALA B 266 14.84 -5.32 16.30
CA ALA B 266 15.64 -5.23 17.51
C ALA B 266 16.91 -6.05 17.36
N ASN B 267 17.69 -6.11 18.44
CA ASN B 267 18.93 -6.88 18.46
C ASN B 267 19.02 -7.59 19.82
N LYS B 268 18.47 -8.80 19.89
CA LYS B 268 18.59 -9.61 21.10
C LYS B 268 18.15 -11.04 20.83
N THR B 269 18.98 -12.01 21.21
CA THR B 269 18.74 -13.44 21.04
C THR B 269 18.76 -13.82 19.56
N ASP B 270 18.85 -12.80 18.70
CA ASP B 270 19.09 -12.92 17.27
C ASP B 270 20.11 -11.89 16.85
N SER B 271 21.17 -11.75 17.66
CA SER B 271 22.05 -10.59 17.64
C SER B 271 22.47 -10.22 16.22
N PRO B 272 21.93 -9.14 15.68
CA PRO B 272 22.44 -8.62 14.41
C PRO B 272 23.64 -7.73 14.64
N CYS B 273 23.69 -7.08 15.80
CA CYS B 273 24.75 -6.14 16.14
C CYS B 273 25.03 -5.23 14.95
N VAL B 274 24.02 -4.47 14.57
CA VAL B 274 24.04 -3.65 13.35
C VAL B 274 24.47 -4.52 12.18
N ASP B 275 23.80 -5.65 12.00
CA ASP B 275 24.13 -6.60 10.94
C ASP B 275 23.62 -6.09 9.58
N SER B 276 24.15 -4.94 9.19
CA SER B 276 23.75 -4.30 7.94
C SER B 276 24.75 -4.51 6.81
N GLU B 277 26.03 -4.70 7.13
CA GLU B 277 27.07 -4.96 6.14
C GLU B 277 27.68 -6.33 6.27
N GLU B 278 27.80 -6.86 7.48
CA GLU B 278 28.32 -8.21 7.67
C GLU B 278 27.42 -9.24 7.01
N TYR B 279 26.12 -9.16 7.26
CA TYR B 279 25.12 -10.06 6.69
C TYR B 279 25.40 -10.32 5.21
N ALA B 280 25.73 -9.25 4.48
CA ALA B 280 25.96 -9.36 3.04
C ALA B 280 27.03 -10.39 2.74
N ALA B 281 28.25 -10.13 3.20
CA ALA B 281 29.37 -11.02 2.88
C ALA B 281 29.14 -12.41 3.46
N CYS B 282 28.58 -12.49 4.68
CA CYS B 282 28.33 -13.80 5.26
C CYS B 282 27.43 -14.64 4.34
N VAL B 283 26.28 -14.10 3.93
CA VAL B 283 25.39 -14.88 3.11
C VAL B 283 25.99 -15.15 1.74
N GLU B 284 26.73 -14.21 1.18
CA GLU B 284 27.34 -14.43 -0.13
C GLU B 284 28.32 -15.60 -0.08
N ASP B 285 29.25 -15.55 0.86
CA ASP B 285 30.23 -16.62 0.99
C ASP B 285 29.57 -17.93 1.38
N PHE B 286 28.46 -17.88 2.13
CA PHE B 286 27.80 -19.12 2.52
C PHE B 286 27.08 -19.76 1.35
N ILE B 287 26.43 -18.96 0.51
CA ILE B 287 25.81 -19.49 -0.71
C ILE B 287 26.87 -20.12 -1.60
N GLU B 288 28.00 -19.42 -1.79
CA GLU B 288 29.08 -19.99 -2.60
C GLU B 288 29.62 -21.26 -1.96
N GLN B 289 29.72 -21.29 -0.63
CA GLN B 289 30.23 -22.46 0.07
C GLN B 289 29.32 -23.66 -0.11
N ARG B 290 28.00 -23.45 -0.01
CA ARG B 290 27.08 -24.55 -0.28
C ARG B 290 27.18 -25.01 -1.72
N ILE B 291 27.31 -24.07 -2.66
CA ILE B 291 27.49 -24.44 -4.05
C ILE B 291 28.72 -25.33 -4.21
N TYR B 292 29.80 -25.02 -3.48
CA TYR B 292 31.00 -25.84 -3.54
C TYR B 292 30.80 -27.19 -2.86
N GLU B 293 30.10 -27.21 -1.73
CA GLU B 293 30.03 -28.41 -0.90
C GLU B 293 29.10 -29.45 -1.51
N LYS B 294 27.82 -29.10 -1.69
CA LYS B 294 26.86 -30.10 -2.14
C LYS B 294 27.22 -30.61 -3.53
N ALA B 295 27.65 -29.71 -4.42
CA ALA B 295 28.16 -30.12 -5.73
C ALA B 295 29.62 -30.48 -5.56
N GLN B 296 29.92 -31.79 -5.61
CA GLN B 296 31.27 -32.26 -5.36
C GLN B 296 32.20 -31.95 -6.53
N VAL B 297 32.44 -30.66 -6.77
CA VAL B 297 33.31 -30.23 -7.86
C VAL B 297 34.17 -29.05 -7.41
N GLN B 298 35.43 -29.32 -7.11
CA GLN B 298 36.40 -28.29 -6.79
C GLN B 298 37.19 -27.82 -8.00
N CYS B 299 36.91 -28.39 -9.18
CA CYS B 299 37.66 -28.02 -10.37
C CYS B 299 37.33 -26.61 -10.85
N ARG B 300 36.14 -26.11 -10.52
CA ARG B 300 35.77 -24.77 -10.95
C ARG B 300 36.75 -23.74 -10.41
N LEU B 301 37.00 -22.70 -11.20
CA LEU B 301 37.95 -21.68 -10.80
C LEU B 301 37.52 -21.05 -9.48
N PRO B 302 38.37 -21.06 -8.46
CA PRO B 302 38.02 -20.43 -7.17
C PRO B 302 38.34 -18.94 -7.17
N TYR B 303 37.53 -18.17 -7.88
CA TYR B 303 37.77 -16.73 -8.01
C TYR B 303 39.15 -16.49 -8.62
N MET B 304 40.15 -16.26 -7.76
CA MET B 304 41.50 -16.03 -8.25
C MET B 304 41.99 -17.27 -9.01
N ARG B 305 42.58 -17.03 -10.18
CA ARG B 305 43.08 -18.14 -10.99
C ARG B 305 44.17 -18.95 -10.29
N PRO B 306 45.20 -18.32 -9.70
CA PRO B 306 46.32 -19.07 -9.11
C PRO B 306 46.02 -19.72 -7.76
N LYS B 307 44.87 -20.37 -7.66
CA LYS B 307 44.59 -21.16 -6.47
C LYS B 307 44.32 -22.62 -6.79
N LEU B 308 43.54 -22.91 -7.82
CA LEU B 308 43.29 -24.25 -8.32
C LEU B 308 43.15 -24.18 -9.83
N PRO B 309 43.33 -25.31 -10.53
CA PRO B 309 43.29 -25.28 -11.99
C PRO B 309 41.93 -24.88 -12.53
N LEU B 310 41.95 -24.24 -13.70
CA LEU B 310 40.71 -23.84 -14.35
C LEU B 310 39.93 -25.05 -14.83
N CYS B 311 38.61 -25.01 -14.63
CA CYS B 311 37.71 -26.06 -15.11
C CYS B 311 36.43 -25.39 -15.60
N SER B 312 36.32 -25.23 -16.91
CA SER B 312 35.14 -24.64 -17.52
C SER B 312 34.55 -25.51 -18.62
N THR B 313 35.39 -26.19 -19.40
CA THR B 313 34.87 -27.03 -20.48
C THR B 313 33.97 -28.14 -19.96
N PRO B 314 34.33 -28.90 -18.92
CA PRO B 314 33.43 -29.94 -18.43
C PRO B 314 32.10 -29.34 -18.00
N THR B 315 31.02 -30.07 -18.28
CA THR B 315 29.68 -29.61 -17.93
C THR B 315 29.52 -29.41 -16.43
N ASP B 316 30.52 -29.79 -15.63
CA ASP B 316 30.52 -29.54 -14.19
C ASP B 316 30.07 -28.12 -13.88
N ALA B 317 30.84 -27.14 -14.37
CA ALA B 317 30.66 -25.74 -13.98
C ALA B 317 29.21 -25.31 -14.14
N ARG B 318 28.61 -25.59 -15.30
CA ARG B 318 27.23 -25.19 -15.53
C ARG B 318 26.27 -26.12 -14.80
N LYS B 319 26.28 -27.41 -15.17
CA LYS B 319 25.26 -28.34 -14.71
C LYS B 319 25.24 -28.42 -13.18
N ILE B 320 26.32 -28.91 -12.58
CA ILE B 320 26.27 -29.20 -11.15
C ILE B 320 26.19 -27.95 -10.30
N PHE B 321 26.88 -26.88 -10.71
CA PHE B 321 26.84 -25.64 -9.96
C PHE B 321 25.45 -25.01 -10.00
N VAL B 322 24.80 -25.01 -11.17
CA VAL B 322 23.43 -24.52 -11.24
C VAL B 322 22.51 -25.38 -10.39
N ALA B 323 22.70 -26.71 -10.43
CA ALA B 323 21.85 -27.59 -9.63
C ALA B 323 21.97 -27.26 -8.15
N THR B 324 23.20 -27.14 -7.66
CA THR B 324 23.38 -26.85 -6.23
C THR B 324 22.86 -25.47 -5.89
N ASP B 325 23.14 -24.47 -6.72
CA ASP B 325 22.64 -23.12 -6.45
C ASP B 325 21.12 -23.12 -6.36
N ASP B 326 20.46 -23.88 -7.24
CA ASP B 326 19.02 -24.05 -7.13
C ASP B 326 18.63 -24.70 -5.81
N VAL B 327 19.39 -25.71 -5.38
CA VAL B 327 19.08 -26.40 -4.13
C VAL B 327 19.15 -25.43 -2.96
N ILE B 328 20.12 -24.51 -2.98
CA ILE B 328 20.36 -23.61 -1.86
C ILE B 328 19.60 -22.31 -2.10
N GLN B 329 18.64 -22.33 -3.01
CA GLN B 329 17.84 -21.13 -3.26
C GLN B 329 17.10 -20.71 -2.00
N ASN B 330 16.54 -21.67 -1.27
CA ASN B 330 15.90 -21.42 0.02
C ASN B 330 16.95 -21.63 1.10
N PHE B 331 17.61 -20.54 1.51
CA PHE B 331 18.71 -20.61 2.46
C PHE B 331 18.42 -19.93 3.79
N GLU B 332 17.45 -19.03 3.87
CA GLU B 332 17.14 -18.39 5.14
C GLU B 332 16.85 -19.43 6.22
N LYS B 333 16.27 -20.57 5.83
CA LYS B 333 16.11 -21.67 6.76
C LYS B 333 17.43 -22.41 6.96
N GLU B 334 18.23 -22.55 5.89
CA GLU B 334 19.48 -23.28 5.99
C GLU B 334 20.53 -22.50 6.78
N SER B 335 20.65 -21.19 6.51
CA SER B 335 21.61 -20.34 7.18
C SER B 335 20.88 -19.37 8.10
N SER B 336 21.32 -19.31 9.36
CA SER B 336 20.64 -18.48 10.34
C SER B 336 21.63 -17.64 11.14
N CYS B 337 21.15 -16.97 12.18
CA CYS B 337 21.90 -16.10 13.08
C CYS B 337 22.20 -14.74 12.44
N LYS B 338 21.75 -14.50 11.22
CA LYS B 338 22.02 -13.24 10.53
C LYS B 338 20.69 -12.59 10.14
N ARG B 339 20.56 -11.31 10.45
CA ARG B 339 19.38 -10.53 10.09
C ARG B 339 19.78 -9.07 9.93
N LYS B 340 19.30 -8.43 8.87
CA LYS B 340 19.53 -7.00 8.66
C LYS B 340 18.73 -6.24 9.71
N CYS B 341 19.38 -5.82 10.78
CA CYS B 341 18.67 -5.09 11.83
C CYS B 341 18.05 -3.81 11.30
N GLU B 342 18.55 -3.28 10.17
CA GLU B 342 18.02 -2.09 9.55
C GLU B 342 17.37 -2.42 8.20
N GLU B 343 16.69 -3.55 8.12
CA GLU B 343 16.07 -3.95 6.86
C GLU B 343 15.03 -2.93 6.44
N THR B 344 15.06 -2.55 5.18
CA THR B 344 14.09 -1.63 4.60
C THR B 344 13.40 -2.34 3.45
N LEU B 345 12.07 -2.38 3.49
CA LEU B 345 11.25 -3.06 2.50
C LEU B 345 10.73 -2.05 1.49
N TYR B 346 10.80 -2.41 0.22
CA TYR B 346 10.38 -1.54 -0.88
C TYR B 346 9.06 -2.06 -1.42
N ILE B 347 7.97 -1.43 -0.99
CA ILE B 347 6.66 -1.73 -1.55
C ILE B 347 6.66 -1.20 -2.97
N VAL B 348 6.73 -2.09 -3.95
CA VAL B 348 6.75 -1.72 -5.36
C VAL B 348 5.31 -1.59 -5.83
N GLU B 349 4.95 -0.39 -6.31
CA GLU B 349 3.62 -0.14 -6.83
C GLU B 349 3.74 0.49 -8.21
N PHE B 350 2.67 0.36 -8.99
CA PHE B 350 2.64 0.87 -10.36
C PHE B 350 2.12 2.29 -10.36
N MET B 351 2.98 3.25 -10.70
CA MET B 351 2.57 4.62 -10.99
C MET B 351 2.64 4.84 -12.50
N HIS B 352 1.57 5.37 -13.07
CA HIS B 352 1.58 5.71 -14.48
C HIS B 352 2.58 6.83 -14.73
N LEU B 353 3.40 6.67 -15.76
CA LEU B 353 4.42 7.64 -16.13
C LEU B 353 3.98 8.37 -17.39
N PHE B 354 4.09 9.70 -17.40
CA PHE B 354 3.88 10.52 -18.62
C PHE B 354 5.23 11.09 -19.04
N GLU B 355 5.97 10.32 -19.83
CA GLU B 355 7.28 10.74 -20.32
C GLU B 355 7.64 9.86 -21.51
N ARG B 356 7.78 10.47 -22.68
CA ARG B 356 8.16 9.74 -23.89
C ARG B 356 9.66 9.47 -23.88
N SER B 357 10.08 8.60 -22.96
CA SER B 357 11.48 8.25 -22.78
C SER B 357 11.87 7.26 -23.86
N ASN B 358 12.58 7.74 -24.89
CA ASN B 358 13.07 6.87 -25.94
C ASN B 358 14.19 5.95 -25.47
N ILE B 359 14.73 6.18 -24.27
CA ILE B 359 15.81 5.39 -23.72
C ILE B 359 15.44 3.91 -23.78
N SER B 360 16.45 3.05 -23.96
CA SER B 360 16.20 1.62 -23.97
C SER B 360 15.60 1.15 -22.65
N ILE B 361 16.24 1.52 -21.54
CA ILE B 361 15.68 1.31 -20.21
C ILE B 361 15.85 2.61 -19.43
N ASP B 362 14.75 3.11 -18.88
CA ASP B 362 14.73 4.34 -18.10
C ASP B 362 13.98 4.11 -16.80
N MET B 363 14.36 3.05 -16.09
CA MET B 363 13.59 2.63 -14.91
C MET B 363 13.50 3.76 -13.90
N SER B 364 12.32 4.31 -13.73
CA SER B 364 12.08 5.42 -12.81
C SER B 364 11.57 4.83 -11.50
N VAL B 365 12.48 4.65 -10.55
CA VAL B 365 12.12 4.27 -9.20
C VAL B 365 11.63 5.54 -8.53
N TYR B 366 10.32 5.76 -8.57
CA TYR B 366 9.72 6.95 -8.00
C TYR B 366 9.69 6.84 -6.48
N PHE B 367 9.90 7.97 -5.82
CA PHE B 367 9.60 8.12 -4.40
C PHE B 367 8.61 9.28 -4.32
N ALA B 368 7.34 8.97 -4.55
CA ALA B 368 6.26 9.93 -4.48
C ALA B 368 5.67 10.03 -3.08
N TYR B 369 6.23 9.28 -2.14
CA TYR B 369 5.71 9.19 -0.78
C TYR B 369 6.87 9.45 0.18
N ASN B 370 7.09 10.73 0.50
CA ASN B 370 8.06 11.08 1.53
C ASN B 370 7.70 10.43 2.86
N TYR B 371 6.43 10.10 3.06
CA TYR B 371 5.95 9.53 4.31
C TYR B 371 6.39 8.06 4.40
N ILE B 372 7.69 7.87 4.66
CA ILE B 372 8.19 6.53 4.90
C ILE B 372 7.44 5.93 6.09
N GLN B 373 6.89 4.75 5.88
CA GLN B 373 6.11 4.05 6.91
C GLN B 373 7.03 3.34 7.88
N VAL B 374 7.93 4.07 8.52
CA VAL B 374 8.98 3.44 9.30
C VAL B 374 8.33 2.69 10.45
N ALA B 375 8.45 1.36 10.41
CA ALA B 375 7.97 0.49 11.48
C ALA B 375 9.13 0.07 12.38
N THR B 376 9.62 1.03 13.15
CA THR B 376 10.78 0.78 14.00
C THR B 376 10.41 -0.22 15.08
N GLU B 377 10.97 -1.43 15.01
CA GLU B 377 10.66 -2.49 15.96
C GLU B 377 11.42 -2.19 17.25
N TYR B 378 10.94 -1.20 17.98
CA TYR B 378 11.57 -0.79 19.21
C TYR B 378 11.62 -1.96 20.20
N LEU B 379 12.42 -1.79 21.24
CA LEU B 379 12.51 -2.73 22.35
C LEU B 379 11.98 -2.08 23.61
N THR B 380 11.03 -2.74 24.27
CA THR B 380 10.41 -2.21 25.48
C THR B 380 11.27 -2.56 26.68
N TYR B 381 12.23 -1.68 26.99
CA TYR B 381 13.00 -1.85 28.22
C TYR B 381 12.10 -1.76 29.44
N THR B 382 11.04 -0.96 29.34
CA THR B 382 10.08 -0.87 30.43
C THR B 382 9.35 -2.18 30.65
N LEU B 383 9.44 -3.12 29.70
CA LEU B 383 8.85 -4.43 29.88
C LEU B 383 9.43 -5.13 31.11
N ARG B 384 10.75 -5.16 31.22
CA ARG B 384 11.40 -5.76 32.38
C ARG B 384 11.03 -5.01 33.66
N GLY B 385 11.01 -3.68 33.58
CA GLY B 385 10.64 -2.90 34.74
C GLY B 385 9.25 -3.21 35.24
N LEU B 386 8.29 -3.38 34.31
CA LEU B 386 6.92 -3.68 34.70
C LEU B 386 6.78 -5.10 35.24
N LEU B 387 7.42 -6.06 34.57
CA LEU B 387 7.37 -7.42 35.08
C LEU B 387 8.02 -7.53 36.45
N SER B 388 8.96 -6.63 36.76
CA SER B 388 9.46 -6.53 38.14
C SER B 388 8.50 -5.80 39.07
N ASP B 389 7.81 -4.77 38.58
CA ASP B 389 6.75 -4.13 39.34
C ASP B 389 5.71 -5.15 39.78
N ILE B 390 5.54 -6.21 39.01
CA ILE B 390 4.65 -7.30 39.40
C ILE B 390 4.93 -7.71 40.85
N GLY B 391 6.14 -7.44 41.34
CA GLY B 391 6.42 -7.63 42.76
C GLY B 391 5.51 -6.80 43.64
N GLY B 392 5.01 -5.68 43.12
CA GLY B 392 4.04 -4.90 43.88
C GLY B 392 2.75 -5.66 44.12
N VAL B 393 2.23 -6.31 43.08
CA VAL B 393 1.04 -7.14 43.24
C VAL B 393 1.37 -8.37 44.08
N LEU B 394 2.61 -8.84 43.99
CA LEU B 394 3.11 -9.85 44.92
C LEU B 394 2.89 -9.41 46.36
N GLY B 395 3.35 -8.20 46.68
CA GLY B 395 3.18 -7.68 48.02
C GLY B 395 1.71 -7.50 48.39
N LEU B 396 0.89 -7.10 47.42
CA LEU B 396 -0.53 -6.96 47.72
C LEU B 396 -1.20 -8.31 48.01
N PHE B 397 -0.82 -9.39 47.31
CA PHE B 397 -1.25 -10.70 47.79
C PHE B 397 -0.74 -10.99 49.19
N LEU B 398 0.54 -10.71 49.44
CA LEU B 398 1.11 -10.97 50.76
C LEU B 398 0.30 -10.27 51.85
N GLY B 399 -0.23 -9.09 51.55
CA GLY B 399 -1.11 -8.44 52.51
C GLY B 399 -2.37 -9.25 52.77
N ILE B 400 -2.87 -9.92 51.75
CA ILE B 400 -4.05 -10.77 51.89
C ILE B 400 -3.76 -11.90 52.86
N VAL C 63 21.39 3.05 52.13
CA VAL C 63 20.21 3.02 51.30
C VAL C 63 20.15 4.28 50.43
N VAL C 64 21.14 5.15 50.61
CA VAL C 64 21.20 6.37 49.81
C VAL C 64 21.43 6.02 48.34
N PHE C 65 22.22 4.97 48.09
CA PHE C 65 22.43 4.51 46.72
C PHE C 65 21.11 4.11 46.06
N CYS C 66 20.31 3.31 46.76
CA CYS C 66 19.02 2.91 46.23
C CYS C 66 18.11 4.11 46.05
N PHE C 67 18.15 5.06 46.98
CA PHE C 67 17.35 6.26 46.84
C PHE C 67 17.73 7.04 45.57
N GLY C 68 19.03 7.14 45.30
CA GLY C 68 19.46 7.84 44.10
C GLY C 68 19.04 7.10 42.84
N ILE C 69 19.20 5.78 42.81
CA ILE C 69 18.78 5.02 41.64
C ILE C 69 17.27 5.17 41.41
N SER C 70 16.50 5.18 42.50
CA SER C 70 15.06 5.36 42.37
C SER C 70 14.73 6.77 41.89
N ALA C 71 15.48 7.76 42.35
CA ALA C 71 15.28 9.12 41.84
C ALA C 71 15.56 9.17 40.34
N HIS C 72 16.60 8.47 39.88
CA HIS C 72 16.86 8.40 38.45
C HIS C 72 15.71 7.71 37.72
N GLN C 73 15.16 6.65 38.31
CA GLN C 73 14.03 5.96 37.69
C GLN C 73 12.84 6.90 37.55
N ILE C 74 12.55 7.68 38.59
CA ILE C 74 11.45 8.63 38.51
C ILE C 74 11.75 9.73 37.51
N ALA C 75 13.03 10.12 37.37
CA ALA C 75 13.40 11.10 36.36
C ALA C 75 13.12 10.59 34.96
N MET C 76 13.47 9.33 34.69
CA MET C 76 13.10 8.73 33.42
C MET C 76 11.59 8.68 33.27
N HIS C 77 10.87 8.40 34.36
CA HIS C 77 9.42 8.45 34.34
C HIS C 77 8.91 9.79 33.83
N VAL C 78 9.39 10.87 34.45
CA VAL C 78 8.92 12.20 34.09
C VAL C 78 9.31 12.54 32.65
N LEU C 79 10.53 12.15 32.26
CA LEU C 79 10.97 12.42 30.89
C LEU C 79 10.06 11.72 29.88
N ASP C 80 9.70 10.47 30.15
CA ASP C 80 8.78 9.76 29.27
C ASP C 80 7.38 10.35 29.33
N TYR C 81 7.04 11.01 30.43
CA TYR C 81 5.70 11.58 30.57
C TYR C 81 5.38 12.52 29.42
N LEU C 82 6.33 13.38 29.05
CA LEU C 82 6.13 14.30 27.94
C LEU C 82 5.96 13.53 26.64
N SER C 83 4.84 13.75 25.96
CA SER C 83 4.58 13.13 24.66
C SER C 83 4.48 11.62 24.78
N GLU C 84 5.54 10.91 24.41
CA GLU C 84 5.56 9.45 24.36
C GLU C 84 4.39 8.90 23.53
N PRO C 85 4.24 9.35 22.29
CA PRO C 85 3.11 8.89 21.46
C PRO C 85 3.46 7.58 20.78
N VAL C 86 2.68 6.55 21.07
CA VAL C 86 2.85 5.23 20.45
C VAL C 86 1.64 4.97 19.55
N ALA C 87 1.92 4.42 18.37
CA ALA C 87 0.84 4.13 17.43
C ALA C 87 0.05 2.94 17.96
N VAL C 88 -0.82 3.20 18.94
CA VAL C 88 -1.50 2.10 19.64
C VAL C 88 -2.31 1.27 18.66
N ARG C 89 -3.06 1.93 17.78
CA ARG C 89 -3.99 1.24 16.88
C ARG C 89 -3.73 1.71 15.46
N ILE C 90 -2.95 0.94 14.71
CA ILE C 90 -2.98 0.98 13.26
C ILE C 90 -3.96 -0.11 12.86
N ASP C 91 -5.25 0.22 12.88
CA ASP C 91 -6.28 -0.77 12.61
C ASP C 91 -7.09 -0.37 11.40
N PHE C 92 -7.63 -1.39 10.74
CA PHE C 92 -8.34 -1.24 9.47
C PHE C 92 -9.83 -1.17 9.77
N VAL C 93 -10.35 0.05 9.85
CA VAL C 93 -11.74 0.29 10.19
C VAL C 93 -12.53 0.53 8.92
N ALA C 94 -13.66 -0.17 8.79
CA ALA C 94 -14.54 -0.04 7.64
C ALA C 94 -15.83 0.63 8.09
N GLN C 95 -16.15 1.78 7.49
CA GLN C 95 -17.36 2.51 7.82
C GLN C 95 -17.99 3.06 6.55
N ASN C 96 -19.32 3.19 6.56
CA ASN C 96 -20.00 3.84 5.45
C ASN C 96 -19.52 5.28 5.29
N GLU C 97 -19.40 5.99 6.41
CA GLU C 97 -18.92 7.37 6.38
C GLU C 97 -17.53 7.43 5.79
N LEU C 98 -17.32 8.37 4.87
CA LEU C 98 -16.03 8.56 4.20
C LEU C 98 -15.61 10.01 4.33
N ARG C 99 -14.36 10.23 4.76
CA ARG C 99 -13.80 11.58 4.87
C ARG C 99 -13.04 11.86 3.58
N ILE C 100 -13.71 12.52 2.65
CA ILE C 100 -13.15 12.74 1.32
C ILE C 100 -11.96 13.68 1.41
N PRO C 101 -10.89 13.45 0.65
CA PRO C 101 -9.78 14.40 0.64
C PRO C 101 -10.19 15.72 -0.01
N GLU C 102 -9.52 16.79 0.42
CA GLU C 102 -9.68 18.08 -0.24
C GLU C 102 -8.81 18.09 -1.49
N ILE C 103 -9.45 18.13 -2.66
CA ILE C 103 -8.77 17.99 -3.93
C ILE C 103 -8.50 19.38 -4.49
N THR C 104 -7.25 19.60 -4.91
CA THR C 104 -6.86 20.80 -5.66
C THR C 104 -6.40 20.33 -7.04
N VAL C 105 -7.07 20.82 -8.07
CA VAL C 105 -6.79 20.44 -9.46
C VAL C 105 -6.11 21.65 -10.10
N CYS C 106 -4.79 21.64 -10.12
CA CYS C 106 -4.02 22.82 -10.51
C CYS C 106 -2.84 22.39 -11.37
N PRO C 107 -2.44 23.21 -12.35
CA PRO C 107 -1.17 22.92 -13.03
C PRO C 107 -0.01 23.15 -12.08
N ARG C 108 1.00 22.28 -12.17
CA ARG C 108 2.01 22.21 -11.11
C ARG C 108 2.71 23.54 -10.91
N ILE C 109 3.28 24.11 -11.97
CA ILE C 109 4.06 25.35 -11.87
C ILE C 109 3.95 26.11 -13.19
N PHE C 110 4.28 27.40 -13.14
CA PHE C 110 4.18 28.24 -14.32
C PHE C 110 5.12 27.76 -15.42
N GLN C 111 6.36 27.45 -15.07
CA GLN C 111 7.32 26.98 -16.06
C GLN C 111 6.94 25.61 -16.59
N GLN C 112 6.54 24.70 -15.70
CA GLN C 112 6.17 23.36 -16.12
C GLN C 112 4.90 23.39 -16.97
N ASN C 113 3.89 24.15 -16.54
CA ASN C 113 2.63 24.18 -17.25
C ASN C 113 2.84 24.69 -18.68
N THR C 114 2.21 24.00 -19.64
CA THR C 114 2.33 24.43 -21.03
C THR C 114 1.58 25.74 -21.28
N ILE C 115 0.45 25.95 -20.61
CA ILE C 115 -0.36 27.13 -20.87
C ILE C 115 0.42 28.40 -20.55
N PHE C 116 0.99 28.47 -19.35
CA PHE C 116 1.71 29.68 -18.94
C PHE C 116 2.95 29.89 -19.78
N THR C 117 3.69 28.81 -20.03
CA THR C 117 4.90 28.93 -20.84
C THR C 117 4.58 29.45 -22.23
N ASP C 118 3.53 28.90 -22.86
CA ASP C 118 3.17 29.36 -24.19
C ASP C 118 2.70 30.81 -24.17
N MET C 119 1.88 31.18 -23.18
CA MET C 119 1.40 32.56 -23.08
C MET C 119 2.57 33.52 -22.94
N VAL C 120 3.52 33.21 -22.05
CA VAL C 120 4.63 34.12 -21.82
C VAL C 120 5.55 34.15 -23.04
N GLU C 121 5.75 33.01 -23.70
CA GLU C 121 6.65 32.97 -24.85
C GLU C 121 6.10 33.79 -26.00
N LYS C 122 4.81 33.63 -26.31
CA LYS C 122 4.24 34.40 -27.42
C LYS C 122 3.97 35.85 -27.05
N GLN C 123 3.74 36.14 -25.76
CA GLN C 123 3.48 37.51 -25.33
C GLN C 123 4.73 38.19 -24.81
N GLY C 124 5.34 37.63 -23.77
CA GLY C 124 6.50 38.21 -23.10
C GLY C 124 7.79 37.51 -23.45
N ILE C 125 8.75 37.58 -22.53
CA ILE C 125 10.05 36.96 -22.69
C ILE C 125 10.45 36.28 -21.38
N ASP C 126 11.36 35.32 -21.49
CA ASP C 126 11.93 34.65 -20.33
C ASP C 126 10.87 33.83 -19.61
N LYS C 127 11.24 33.25 -18.46
CA LYS C 127 10.29 32.48 -17.66
C LYS C 127 9.33 33.43 -16.95
N MET C 128 8.20 33.71 -17.58
CA MET C 128 7.27 34.74 -17.10
C MET C 128 8.05 35.96 -16.63
N LYS C 129 7.63 36.58 -15.55
CA LYS C 129 8.35 37.72 -14.99
C LYS C 129 8.38 38.87 -15.99
N PHE C 130 8.94 40.01 -15.59
CA PHE C 130 9.09 41.19 -16.42
C PHE C 130 7.77 41.81 -16.81
N LEU C 131 6.65 41.31 -16.30
CA LEU C 131 5.35 41.95 -16.48
C LEU C 131 4.78 41.73 -17.88
N ASP C 132 5.56 41.14 -18.78
CA ASP C 132 5.15 41.02 -20.17
C ASP C 132 4.84 42.40 -20.75
N LEU C 133 5.68 43.38 -20.42
CA LEU C 133 5.42 44.76 -20.80
C LEU C 133 5.39 44.94 -22.31
N ILE C 134 6.25 44.22 -23.04
CA ILE C 134 6.37 44.44 -24.48
C ILE C 134 5.04 44.18 -25.17
N ASP C 135 4.39 43.07 -24.85
CA ASP C 135 3.10 42.76 -25.48
C ASP C 135 2.04 43.76 -25.06
N ARG C 136 1.98 44.12 -23.78
CA ARG C 136 0.98 45.04 -23.28
C ARG C 136 1.40 45.59 -21.92
N PRO C 137 1.31 46.91 -21.71
CA PRO C 137 1.66 47.50 -20.41
C PRO C 137 0.53 47.45 -19.38
N GLU C 138 -0.59 46.82 -19.69
CA GLU C 138 -1.74 46.78 -18.79
C GLU C 138 -1.86 45.46 -18.03
N TYR C 139 -0.85 44.59 -18.12
CA TYR C 139 -0.90 43.31 -17.42
C TYR C 139 -0.72 43.55 -15.93
N ASP C 140 -1.83 43.54 -15.19
CA ASP C 140 -1.77 43.67 -13.74
C ASP C 140 -1.20 42.39 -13.14
N ILE C 141 -1.00 42.41 -11.82
CA ILE C 141 -0.51 41.21 -11.14
C ILE C 141 -1.50 40.08 -11.28
N MET C 142 -2.78 40.35 -10.99
CA MET C 142 -3.80 39.33 -11.16
C MET C 142 -4.03 39.02 -12.63
N ALA C 143 -3.86 39.99 -13.52
CA ALA C 143 -4.05 39.72 -14.94
C ALA C 143 -3.13 38.63 -15.44
N VAL C 144 -2.04 38.36 -14.74
CA VAL C 144 -1.13 37.26 -15.09
C VAL C 144 -1.29 36.07 -14.15
N TRP C 145 -1.59 36.33 -12.87
CA TRP C 145 -1.76 35.24 -11.92
C TRP C 145 -3.00 34.42 -12.25
N ASN C 146 -4.13 35.08 -12.52
CA ASN C 146 -5.35 34.42 -12.97
C ASN C 146 -5.19 33.84 -14.38
N LEU C 147 -4.13 34.19 -15.09
CA LEU C 147 -3.81 33.52 -16.33
C LEU C 147 -3.62 32.02 -16.12
N SER C 148 -3.58 31.58 -14.87
CA SER C 148 -3.46 30.17 -14.52
C SER C 148 -4.77 29.41 -14.68
N ARG C 149 -5.84 30.07 -15.14
CA ARG C 149 -7.12 29.39 -15.29
C ARG C 149 -6.95 28.14 -16.14
N ILE C 150 -7.18 26.98 -15.55
CA ILE C 150 -7.01 25.70 -16.24
C ILE C 150 -8.32 24.93 -16.19
N PHE C 151 -8.93 24.86 -15.01
CA PHE C 151 -10.12 24.04 -14.80
C PHE C 151 -10.95 24.71 -13.72
N SER C 152 -12.12 25.24 -14.10
CA SER C 152 -12.99 25.90 -13.14
C SER C 152 -14.30 26.33 -13.80
N ASP C 153 -15.24 26.81 -13.01
CA ASP C 153 -16.56 27.30 -13.41
C ASP C 153 -17.51 26.15 -13.75
N ASN C 154 -17.04 24.91 -13.79
CA ASN C 154 -17.90 23.74 -14.01
C ASN C 154 -17.45 22.59 -13.13
N VAL C 155 -17.06 22.90 -11.90
CA VAL C 155 -16.56 21.87 -10.99
C VAL C 155 -17.73 21.05 -10.47
N SER C 156 -17.59 19.74 -10.56
CA SER C 156 -18.52 18.81 -9.93
C SER C 156 -17.72 17.89 -9.03
N CYS C 157 -18.17 17.76 -7.78
CA CYS C 157 -17.59 16.81 -6.83
C CYS C 157 -18.45 15.56 -6.72
N SER C 158 -18.96 15.11 -7.87
CA SER C 158 -19.87 13.98 -7.96
C SER C 158 -19.45 12.86 -7.03
N ALA C 159 -20.38 12.46 -6.15
CA ALA C 159 -20.12 11.47 -5.12
C ALA C 159 -20.86 10.18 -5.50
N HIS C 160 -20.16 9.30 -6.21
CA HIS C 160 -20.70 7.98 -6.54
C HIS C 160 -20.61 7.13 -5.28
N GLU C 161 -21.72 7.11 -4.51
CA GLU C 161 -21.67 6.57 -3.16
C GLU C 161 -21.48 5.06 -3.17
N GLY C 162 -22.15 4.35 -4.05
CA GLY C 162 -22.05 2.90 -4.06
C GLY C 162 -22.97 2.28 -5.08
N SER C 163 -23.29 1.01 -4.87
CA SER C 163 -24.15 0.25 -5.76
C SER C 163 -25.22 -0.46 -4.94
N SER C 164 -26.23 -0.98 -5.63
CA SER C 164 -27.32 -1.68 -4.98
C SER C 164 -28.07 -2.49 -6.03
N ILE C 165 -28.56 -3.67 -5.62
CA ILE C 165 -29.16 -4.59 -6.56
C ILE C 165 -30.50 -4.07 -7.07
N ILE C 166 -31.30 -3.48 -6.18
CA ILE C 166 -32.64 -3.05 -6.59
C ILE C 166 -32.56 -1.85 -7.53
N SER C 167 -31.73 -0.87 -7.20
CA SER C 167 -31.62 0.37 -7.98
C SER C 167 -30.24 0.56 -8.56
N GLY C 168 -29.19 0.52 -7.74
CA GLY C 168 -27.84 0.67 -8.21
C GLY C 168 -27.54 2.03 -8.78
N SER C 169 -26.26 2.30 -9.02
CA SER C 169 -25.82 3.57 -9.62
C SER C 169 -26.28 4.76 -8.79
N TYR C 170 -25.77 4.82 -7.56
CA TYR C 170 -26.07 5.91 -6.65
C TYR C 170 -25.18 7.11 -6.97
N VAL C 171 -25.81 8.27 -7.15
CA VAL C 171 -25.12 9.49 -7.56
C VAL C 171 -25.57 10.64 -6.68
N ASP C 172 -24.78 11.72 -6.72
CA ASP C 172 -25.04 12.92 -5.94
C ASP C 172 -24.40 14.12 -6.62
N PRO C 173 -24.97 14.61 -7.73
CA PRO C 173 -24.26 15.64 -8.51
C PRO C 173 -24.00 16.93 -7.74
N ASN C 174 -24.92 17.33 -6.86
CA ASN C 174 -24.79 18.61 -6.15
C ASN C 174 -23.83 18.44 -4.99
N MET C 175 -22.59 18.89 -5.17
CA MET C 175 -21.63 18.83 -4.07
C MET C 175 -20.39 19.69 -4.32
N SER C 176 -20.12 20.61 -3.40
CA SER C 176 -18.87 21.31 -3.13
C SER C 176 -18.53 22.43 -4.12
N GLN C 177 -19.24 22.58 -5.25
CA GLN C 177 -19.10 23.75 -6.10
C GLN C 177 -17.67 24.06 -6.55
N PRO C 178 -17.48 25.01 -7.49
CA PRO C 178 -16.12 25.39 -7.91
C PRO C 178 -15.44 26.41 -7.01
N HIS C 179 -14.79 25.97 -5.94
CA HIS C 179 -14.08 26.88 -5.05
C HIS C 179 -12.79 27.30 -5.73
N LEU C 180 -12.78 28.52 -6.27
CA LEU C 180 -11.62 29.05 -6.98
C LEU C 180 -10.64 29.61 -5.97
N VAL C 181 -9.46 29.01 -5.87
CA VAL C 181 -8.43 29.43 -4.92
C VAL C 181 -7.16 29.72 -5.69
N TYR C 182 -6.61 30.93 -5.48
CA TYR C 182 -5.34 31.29 -6.10
C TYR C 182 -4.19 30.51 -5.48
N THR C 183 -3.18 30.21 -6.28
CA THR C 183 -2.06 29.39 -5.85
C THR C 183 -0.82 29.75 -6.66
N THR C 184 0.34 29.34 -6.15
CA THR C 184 1.59 29.57 -6.87
C THR C 184 1.45 29.19 -8.35
N SER C 185 0.62 28.20 -8.65
CA SER C 185 0.30 27.91 -10.04
C SER C 185 -0.58 28.99 -10.65
N GLY C 186 -1.28 29.77 -9.83
CA GLY C 186 -2.06 30.89 -10.32
C GLY C 186 -3.55 30.77 -10.06
N GLN C 187 -4.11 29.58 -10.24
CA GLN C 187 -5.53 29.37 -10.01
C GLN C 187 -5.80 27.88 -9.96
N CYS C 188 -6.55 27.45 -8.95
CA CYS C 188 -6.86 26.05 -8.74
C CYS C 188 -8.30 25.95 -8.27
N ILE C 189 -8.84 24.73 -8.32
CA ILE C 189 -10.21 24.48 -7.88
C ILE C 189 -10.17 23.59 -6.65
N ASN C 190 -10.18 24.19 -5.47
CA ASN C 190 -10.24 23.44 -4.23
C ASN C 190 -11.65 22.89 -4.07
N ILE C 191 -11.75 21.66 -3.58
CA ILE C 191 -13.05 20.99 -3.45
C ILE C 191 -13.30 20.67 -1.99
N PRO C 192 -14.10 21.45 -1.27
CA PRO C 192 -14.37 21.15 0.15
C PRO C 192 -15.20 19.90 0.31
N ALA C 193 -15.08 19.29 1.47
CA ALA C 193 -15.85 18.09 1.82
C ALA C 193 -17.16 18.54 2.45
N SER C 194 -18.14 18.83 1.59
CA SER C 194 -19.43 19.31 2.07
C SER C 194 -20.14 18.26 2.91
N ARG C 195 -20.08 16.99 2.49
CA ARG C 195 -20.76 15.92 3.20
C ARG C 195 -19.91 14.65 3.16
N PRO C 196 -19.77 13.94 4.27
CA PRO C 196 -19.11 12.62 4.21
C PRO C 196 -19.88 11.68 3.30
N LEU C 197 -19.15 10.81 2.62
CA LEU C 197 -19.75 9.89 1.66
C LEU C 197 -20.08 8.56 2.32
N ILE C 198 -20.88 7.77 1.61
CA ILE C 198 -21.39 6.49 2.10
C ILE C 198 -20.69 5.38 1.34
N TYR C 199 -20.14 4.42 2.08
CA TYR C 199 -19.43 3.29 1.48
C TYR C 199 -20.36 2.10 1.39
N ARG C 200 -21.20 2.10 0.35
CA ARG C 200 -22.10 0.99 0.07
C ARG C 200 -21.49 -0.02 -0.89
N GLY C 201 -20.25 0.18 -1.30
CA GLY C 201 -19.57 -0.77 -2.15
C GLY C 201 -18.17 -0.30 -2.43
N VAL C 202 -17.40 -1.16 -3.09
CA VAL C 202 -16.05 -0.78 -3.49
C VAL C 202 -16.09 0.39 -4.45
N ASN C 203 -17.19 0.53 -5.19
CA ASN C 203 -17.37 1.65 -6.11
C ASN C 203 -17.78 2.90 -5.33
N THR C 204 -16.84 3.37 -4.51
CA THR C 204 -16.99 4.61 -3.75
C THR C 204 -15.92 5.55 -4.27
N PHE C 205 -16.22 6.26 -5.36
CA PHE C 205 -15.28 7.15 -6.00
C PHE C 205 -15.91 8.52 -6.13
N VAL C 206 -15.22 9.52 -5.60
CA VAL C 206 -15.63 10.92 -5.75
C VAL C 206 -15.02 11.40 -7.04
N ARG C 207 -15.86 11.87 -7.96
CA ARG C 207 -15.40 12.28 -9.28
C ARG C 207 -15.37 13.79 -9.38
N ILE C 208 -14.21 14.32 -9.73
CA ILE C 208 -14.02 15.74 -9.99
C ILE C 208 -14.08 15.92 -11.49
N THR C 209 -15.13 16.60 -11.96
CA THR C 209 -15.41 16.76 -13.38
C THR C 209 -15.48 18.23 -13.73
N ASP C 210 -14.79 18.62 -14.80
CA ASP C 210 -14.83 19.97 -15.34
C ASP C 210 -15.17 19.83 -16.82
N SER C 211 -16.48 19.77 -17.12
CA SER C 211 -16.95 19.66 -18.49
C SER C 211 -16.74 21.02 -19.17
N GLN C 212 -15.48 21.30 -19.49
CA GLN C 212 -15.12 22.61 -20.00
C GLN C 212 -15.74 22.95 -21.35
N PRO C 213 -15.95 24.25 -21.62
CA PRO C 213 -16.38 24.67 -22.97
C PRO C 213 -15.45 24.15 -24.05
N ARG C 214 -16.03 23.63 -25.12
CA ARG C 214 -15.30 23.09 -26.26
C ARG C 214 -14.33 21.98 -25.86
N ASN C 215 -14.43 21.47 -24.63
CA ASN C 215 -13.52 20.50 -24.05
C ASN C 215 -12.15 21.10 -23.75
N LEU C 216 -11.93 22.38 -24.05
CA LEU C 216 -10.63 23.02 -23.84
C LEU C 216 -9.53 22.26 -24.55
N ASP C 217 -9.76 21.96 -25.83
CA ASP C 217 -8.82 21.19 -26.63
C ASP C 217 -7.70 22.03 -27.22
N GLU C 218 -7.75 23.35 -27.06
CA GLU C 218 -6.70 24.23 -27.57
C GLU C 218 -5.66 24.44 -26.48
N VAL C 219 -4.48 23.85 -26.66
CA VAL C 219 -3.42 23.92 -25.66
C VAL C 219 -3.94 23.32 -24.36
N ARG C 220 -4.58 22.16 -24.46
CA ARG C 220 -5.13 21.52 -23.28
C ARG C 220 -4.01 21.11 -22.33
N PRO C 221 -4.15 21.35 -21.03
CA PRO C 221 -3.11 20.93 -20.08
C PRO C 221 -2.98 19.43 -20.02
N GLU C 222 -1.83 18.91 -20.47
CA GLU C 222 -1.68 17.47 -20.66
C GLU C 222 -1.48 16.74 -19.33
N ALA C 223 -0.75 17.35 -18.39
CA ALA C 223 -0.28 16.67 -17.19
C ALA C 223 -0.59 17.48 -15.96
N ILE C 224 -1.85 17.91 -15.83
CA ILE C 224 -2.25 18.71 -14.68
C ILE C 224 -1.89 17.99 -13.39
N GLN C 225 -1.78 18.75 -12.31
CA GLN C 225 -1.41 18.22 -11.00
C GLN C 225 -2.65 18.13 -10.11
N ILE C 226 -2.70 17.09 -9.30
CA ILE C 226 -3.81 16.83 -8.39
C ILE C 226 -3.21 16.69 -7.00
N TYR C 227 -3.55 17.59 -6.11
CA TYR C 227 -3.06 17.56 -4.73
C TYR C 227 -4.21 17.20 -3.80
N PHE C 228 -4.07 16.07 -3.11
CA PHE C 228 -5.03 15.66 -2.09
C PHE C 228 -4.50 16.14 -0.74
N HIS C 229 -5.03 17.26 -0.28
CA HIS C 229 -4.63 17.83 1.01
C HIS C 229 -5.81 17.78 1.97
N GLU C 230 -5.50 17.95 3.26
CA GLU C 230 -6.51 17.79 4.29
C GLU C 230 -7.48 18.97 4.26
N HIS C 231 -8.61 18.78 4.93
CA HIS C 231 -9.71 19.73 4.85
C HIS C 231 -9.30 21.10 5.38
N HIS C 232 -9.79 22.15 4.72
CA HIS C 232 -9.59 23.53 5.17
C HIS C 232 -8.12 23.84 5.40
N HIS C 233 -7.35 23.79 4.32
CA HIS C 233 -5.95 24.18 4.31
C HIS C 233 -5.71 25.07 3.10
N ALA C 234 -5.71 26.38 3.33
CA ALA C 234 -5.44 27.33 2.25
C ALA C 234 -3.97 27.27 1.84
N HIS C 235 -3.06 27.21 2.81
CA HIS C 235 -1.63 27.25 2.49
C HIS C 235 -1.22 26.07 1.63
N LEU C 236 -1.71 24.87 1.95
CA LEU C 236 -1.37 23.70 1.15
C LEU C 236 -1.84 23.85 -0.28
N SER C 237 -3.04 24.40 -0.48
CA SER C 237 -3.61 24.55 -1.81
C SER C 237 -3.09 25.78 -2.54
N ARG C 238 -2.40 26.68 -1.86
CA ARG C 238 -1.98 27.95 -2.45
C ARG C 238 -0.49 28.07 -2.65
N TYR C 239 0.33 27.34 -1.89
CA TYR C 239 1.78 27.46 -2.02
C TYR C 239 2.49 26.10 -1.97
N LEU C 240 1.78 24.99 -2.05
CA LEU C 240 2.43 23.67 -2.05
C LEU C 240 1.78 22.70 -3.02
N THR C 241 1.08 23.19 -4.04
CA THR C 241 0.41 22.29 -4.97
C THR C 241 1.34 21.80 -6.08
N GLY C 242 2.34 22.59 -6.44
CA GLY C 242 3.34 22.15 -7.41
C GLY C 242 4.47 21.34 -6.83
N LEU C 243 4.55 21.26 -5.49
CA LEU C 243 5.58 20.50 -4.81
C LEU C 243 5.05 19.23 -4.18
N ARG C 244 4.03 19.33 -3.34
CA ARG C 244 3.49 18.19 -2.59
C ARG C 244 2.27 17.58 -3.26
N GLY C 245 2.22 17.59 -4.60
CA GLY C 245 1.08 17.07 -5.31
C GLY C 245 1.50 16.08 -6.37
N TYR C 246 0.55 15.24 -6.78
CA TYR C 246 0.78 14.17 -7.74
C TYR C 246 0.37 14.64 -9.12
N ILE C 247 1.32 14.64 -10.05
CA ILE C 247 1.02 14.99 -11.44
C ILE C 247 0.20 13.87 -12.07
N VAL C 248 -0.82 14.25 -12.83
CA VAL C 248 -1.78 13.30 -13.38
C VAL C 248 -2.00 13.62 -14.85
N PRO C 249 -1.69 12.73 -15.78
CA PRO C 249 -2.12 12.93 -17.16
C PRO C 249 -3.64 12.84 -17.27
N ILE C 250 -4.20 13.63 -18.19
CA ILE C 250 -5.64 13.68 -18.39
C ILE C 250 -6.03 13.31 -19.82
N ALA C 251 -5.09 12.79 -20.61
CA ALA C 251 -5.45 12.28 -21.92
C ALA C 251 -6.41 11.11 -21.84
N ASN C 252 -6.47 10.44 -20.70
CA ASN C 252 -7.38 9.33 -20.44
C ASN C 252 -8.02 9.54 -19.08
N PRO C 253 -9.19 8.94 -18.84
CA PRO C 253 -9.88 9.16 -17.57
C PRO C 253 -9.18 8.49 -16.39
N PHE C 254 -8.09 9.11 -15.92
CA PHE C 254 -7.30 8.52 -14.85
C PHE C 254 -8.11 8.46 -13.55
N ALA C 255 -7.93 7.36 -12.82
CA ALA C 255 -8.56 7.17 -11.52
C ALA C 255 -7.54 6.64 -10.54
N PHE C 256 -7.50 7.24 -9.34
CA PHE C 256 -6.54 6.83 -8.34
C PHE C 256 -7.25 6.39 -7.07
N SER C 257 -6.88 5.23 -6.56
CA SER C 257 -7.32 4.82 -5.24
C SER C 257 -6.65 5.69 -4.19
N ILE C 258 -7.42 6.07 -3.18
CA ILE C 258 -6.88 6.84 -2.07
C ILE C 258 -7.02 6.03 -0.79
N ARG C 259 -5.99 5.26 -0.45
CA ARG C 259 -5.99 4.59 0.84
C ARG C 259 -5.85 5.65 1.93
N PHE C 260 -6.59 5.48 3.02
CA PHE C 260 -6.64 6.47 4.08
C PHE C 260 -5.77 6.04 5.24
N THR C 261 -4.90 6.93 5.69
CA THR C 261 -4.10 6.73 6.90
C THR C 261 -4.39 7.93 7.80
N GLN C 262 -5.44 7.83 8.58
CA GLN C 262 -5.83 8.91 9.49
C GLN C 262 -4.96 8.82 10.73
N ILE C 263 -3.79 9.45 10.65
CA ILE C 263 -2.86 9.48 11.78
C ILE C 263 -3.24 10.66 12.66
N ASN C 264 -4.01 10.36 13.70
CA ASN C 264 -4.36 11.36 14.71
C ASN C 264 -3.24 11.41 15.73
N TYR C 265 -2.26 12.28 15.48
CA TYR C 265 -1.16 12.42 16.41
C TYR C 265 -1.68 12.86 17.78
N ALA C 266 -0.80 12.79 18.77
CA ALA C 266 -1.13 13.23 20.11
C ALA C 266 -1.05 14.75 20.19
N ASN C 267 -1.27 15.28 21.40
CA ASN C 267 -1.21 16.73 21.65
C ASN C 267 -0.50 16.94 22.98
N LYS C 268 0.84 17.06 22.92
CA LYS C 268 1.62 17.38 24.11
C LYS C 268 3.04 17.76 23.73
N THR C 269 3.52 18.89 24.26
CA THR C 269 4.85 19.43 24.02
C THR C 269 5.00 19.87 22.56
N ASP C 270 3.99 19.57 21.76
CA ASP C 270 3.82 20.06 20.40
C ASP C 270 2.37 20.48 20.20
N SER C 271 1.83 21.19 21.20
CA SER C 271 0.39 21.36 21.36
C SER C 271 -0.28 21.75 20.06
N PRO C 272 -1.02 20.83 19.44
CA PRO C 272 -1.86 21.21 18.30
C PRO C 272 -3.19 21.76 18.77
N CYS C 273 -3.64 21.28 19.93
CA CYS C 273 -4.94 21.66 20.49
C CYS C 273 -6.00 21.65 19.39
N VAL C 274 -6.21 20.46 18.83
CA VAL C 274 -7.07 20.25 17.67
C VAL C 274 -6.66 21.24 16.58
N ASP C 275 -5.36 21.26 16.25
CA ASP C 275 -4.81 22.17 15.25
C ASP C 275 -5.17 21.71 13.84
N SER C 276 -6.47 21.65 13.57
CA SER C 276 -6.96 21.18 12.28
C SER C 276 -7.39 22.31 11.37
N GLU C 277 -7.82 23.44 11.92
CA GLU C 277 -8.21 24.61 11.13
C GLU C 277 -7.30 25.81 11.35
N GLU C 278 -6.76 25.98 12.56
CA GLU C 278 -5.83 27.07 12.82
C GLU C 278 -4.57 26.93 11.97
N TYR C 279 -3.97 25.72 11.98
CA TYR C 279 -2.77 25.43 11.21
C TYR C 279 -2.85 26.01 9.81
N ALA C 280 -4.02 25.88 9.17
CA ALA C 280 -4.19 26.36 7.81
C ALA C 280 -3.86 27.83 7.68
N ALA C 281 -4.63 28.67 8.39
CA ALA C 281 -4.44 30.11 8.27
C ALA C 281 -3.06 30.52 8.77
N CYS C 282 -2.59 29.89 9.84
CA CYS C 282 -1.26 30.24 10.34
C CYS C 282 -0.20 30.05 9.27
N VAL C 283 -0.15 28.87 8.66
CA VAL C 283 0.88 28.61 7.67
C VAL C 283 0.67 29.48 6.43
N GLU C 284 -0.59 29.73 6.04
CA GLU C 284 -0.84 30.56 4.86
C GLU C 284 -0.29 31.97 5.07
N ASP C 285 -0.68 32.60 6.19
CA ASP C 285 -0.22 33.94 6.47
C ASP C 285 1.28 33.97 6.70
N PHE C 286 1.87 32.89 7.23
CA PHE C 286 3.31 32.88 7.46
C PHE C 286 4.08 32.77 6.16
N ILE C 287 3.60 31.94 5.22
CA ILE C 287 4.23 31.88 3.91
C ILE C 287 4.16 33.23 3.22
N GLU C 288 2.98 33.88 3.27
CA GLU C 288 2.86 35.20 2.67
C GLU C 288 3.77 36.22 3.37
N GLN C 289 3.89 36.10 4.70
CA GLN C 289 4.73 37.01 5.46
C GLN C 289 6.20 36.85 5.10
N ARG C 290 6.67 35.61 4.94
CA ARG C 290 8.04 35.42 4.48
C ARG C 290 8.24 35.96 3.08
N ILE C 291 7.25 35.75 2.21
CA ILE C 291 7.33 36.30 0.85
C ILE C 291 7.49 37.82 0.93
N TYR C 292 6.77 38.46 1.85
CA TYR C 292 6.88 39.91 2.00
C TYR C 292 8.23 40.31 2.61
N GLU C 293 8.71 39.56 3.59
CA GLU C 293 9.87 39.95 4.36
C GLU C 293 11.16 39.77 3.57
N LYS C 294 11.47 38.54 3.16
CA LYS C 294 12.75 38.30 2.51
C LYS C 294 12.86 39.08 1.20
N ALA C 295 11.78 39.13 0.43
CA ALA C 295 11.73 39.97 -0.77
C ALA C 295 11.35 41.38 -0.32
N GLN C 296 12.33 42.29 -0.34
CA GLN C 296 12.10 43.64 0.16
C GLN C 296 11.26 44.45 -0.81
N VAL C 297 10.00 44.05 -0.98
CA VAL C 297 9.08 44.75 -1.88
C VAL C 297 7.70 44.81 -1.25
N GLN C 298 7.35 45.99 -0.72
CA GLN C 298 6.01 46.23 -0.20
C GLN C 298 5.10 46.88 -1.23
N CYS C 299 5.58 47.11 -2.46
CA CYS C 299 4.77 47.75 -3.47
C CYS C 299 3.65 46.83 -3.97
N ARG C 300 3.84 45.52 -3.87
CA ARG C 300 2.81 44.59 -4.34
C ARG C 300 1.50 44.84 -3.60
N LEU C 301 0.40 44.65 -4.31
CA LEU C 301 -0.91 44.88 -3.72
C LEU C 301 -1.11 44.00 -2.51
N PRO C 302 -1.38 44.57 -1.34
CA PRO C 302 -1.63 43.76 -0.12
C PRO C 302 -3.08 43.29 -0.02
N TYR C 303 -3.42 42.32 -0.88
CA TYR C 303 -4.79 41.83 -0.93
C TYR C 303 -5.75 42.97 -1.25
N MET C 304 -6.34 43.58 -0.23
CA MET C 304 -7.25 44.70 -0.44
C MET C 304 -6.51 45.85 -1.10
N ARG C 305 -7.12 46.41 -2.14
CA ARG C 305 -6.50 47.52 -2.87
C ARG C 305 -6.26 48.74 -1.98
N PRO C 306 -7.23 49.22 -1.19
CA PRO C 306 -7.06 50.46 -0.42
C PRO C 306 -6.21 50.30 0.84
N LYS C 307 -5.07 49.64 0.69
CA LYS C 307 -4.11 49.61 1.80
C LYS C 307 -2.76 50.17 1.42
N LEU C 308 -2.25 49.80 0.25
CA LEU C 308 -1.01 50.34 -0.32
C LEU C 308 -1.17 50.42 -1.82
N PRO C 309 -0.36 51.24 -2.49
CA PRO C 309 -0.54 51.43 -3.94
C PRO C 309 -0.27 50.15 -4.72
N LEU C 310 -0.97 50.02 -5.85
CA LEU C 310 -0.78 48.87 -6.72
C LEU C 310 0.60 48.89 -7.35
N CYS C 311 1.23 47.72 -7.42
CA CYS C 311 2.53 47.55 -8.08
C CYS C 311 2.51 46.21 -8.79
N SER C 312 2.29 46.23 -10.09
CA SER C 312 2.27 45.03 -10.91
C SER C 312 3.19 45.13 -12.11
N THR C 313 3.29 46.30 -12.74
CA THR C 313 4.16 46.45 -13.90
C THR C 313 5.62 46.15 -13.58
N PRO C 314 6.21 46.68 -12.51
CA PRO C 314 7.60 46.36 -12.22
C PRO C 314 7.78 44.85 -12.04
N THR C 315 8.91 44.35 -12.55
CA THR C 315 9.20 42.92 -12.44
C THR C 315 9.28 42.45 -10.99
N ASP C 316 9.20 43.36 -10.02
CA ASP C 316 9.15 43.01 -8.62
C ASP C 316 8.17 41.87 -8.37
N ALA C 317 6.89 42.12 -8.69
CA ALA C 317 5.82 41.20 -8.31
C ALA C 317 6.12 39.77 -8.73
N ARG C 318 6.53 39.59 -9.98
CA ARG C 318 6.83 38.24 -10.47
C ARG C 318 8.19 37.78 -9.95
N LYS C 319 9.25 38.50 -10.33
CA LYS C 319 10.61 38.01 -10.09
C LYS C 319 10.86 37.80 -8.61
N ILE C 320 10.83 38.87 -7.82
CA ILE C 320 11.27 38.76 -6.42
C ILE C 320 10.31 37.92 -5.59
N PHE C 321 9.00 38.05 -5.84
CA PHE C 321 8.04 37.27 -5.08
C PHE C 321 8.16 35.78 -5.38
N VAL C 322 8.35 35.41 -6.65
CA VAL C 322 8.59 34.01 -6.98
C VAL C 322 9.88 33.52 -6.34
N ALA C 323 10.92 34.35 -6.37
CA ALA C 323 12.19 33.95 -5.75
C ALA C 323 12.01 33.65 -4.28
N THR C 324 11.37 34.57 -3.54
CA THR C 324 11.18 34.35 -2.12
C THR C 324 10.27 33.16 -1.85
N ASP C 325 9.18 33.02 -2.60
CA ASP C 325 8.29 31.88 -2.39
C ASP C 325 9.04 30.58 -2.60
N ASP C 326 9.92 30.53 -3.60
CA ASP C 326 10.79 29.37 -3.77
C ASP C 326 11.68 29.16 -2.56
N VAL C 327 12.23 30.25 -2.02
CA VAL C 327 13.12 30.13 -0.86
C VAL C 327 12.37 29.53 0.33
N ILE C 328 11.10 29.89 0.50
CA ILE C 328 10.33 29.47 1.66
C ILE C 328 9.55 28.21 1.31
N GLN C 329 9.93 27.55 0.23
CA GLN C 329 9.26 26.30 -0.15
C GLN C 329 9.39 25.27 0.95
N ASN C 330 10.58 25.16 1.54
CA ASN C 330 10.81 24.29 2.70
C ASN C 330 10.61 25.11 3.95
N PHE C 331 9.39 25.06 4.51
CA PHE C 331 9.02 25.89 5.64
C PHE C 331 8.72 25.11 6.91
N GLU C 332 8.42 23.81 6.81
CA GLU C 332 8.16 23.03 8.02
C GLU C 332 9.32 23.13 8.99
N LYS C 333 10.55 23.27 8.49
CA LYS C 333 11.68 23.54 9.35
C LYS C 333 11.70 25.00 9.78
N GLU C 334 11.31 25.91 8.89
CA GLU C 334 11.34 27.33 9.21
C GLU C 334 10.23 27.71 10.19
N SER C 335 9.03 27.21 9.98
CA SER C 335 7.88 27.49 10.83
C SER C 335 7.51 26.24 11.62
N SER C 336 7.38 26.38 12.93
CA SER C 336 7.11 25.24 13.79
C SER C 336 5.98 25.54 14.77
N CYS C 337 5.75 24.63 15.71
CA CYS C 337 4.73 24.70 16.75
C CYS C 337 3.34 24.38 16.22
N LYS C 338 3.20 24.05 14.94
CA LYS C 338 1.92 23.76 14.33
C LYS C 338 1.95 22.38 13.71
N ARG C 339 0.94 21.56 14.02
CA ARG C 339 0.80 20.24 13.44
C ARG C 339 -0.68 19.87 13.39
N LYS C 340 -1.11 19.30 12.27
CA LYS C 340 -2.48 18.83 12.14
C LYS C 340 -2.62 17.60 13.02
N CYS C 341 -3.20 17.77 14.22
CA CYS C 341 -3.37 16.64 15.11
C CYS C 341 -4.24 15.55 14.50
N GLU C 342 -5.05 15.89 13.50
CA GLU C 342 -5.90 14.94 12.80
C GLU C 342 -5.45 14.76 11.36
N GLU C 343 -4.14 14.76 11.12
CA GLU C 343 -3.63 14.62 9.77
C GLU C 343 -4.07 13.29 9.18
N THR C 344 -4.55 13.33 7.95
CA THR C 344 -4.92 12.13 7.21
C THR C 344 -4.10 12.09 5.93
N LEU C 345 -3.41 10.96 5.72
CA LEU C 345 -2.55 10.75 4.59
C LEU C 345 -3.28 9.96 3.52
N TYR C 346 -3.14 10.40 2.28
CA TYR C 346 -3.82 9.79 1.14
C TYR C 346 -2.78 9.01 0.33
N ILE C 347 -2.73 7.70 0.57
CA ILE C 347 -1.90 6.82 -0.25
C ILE C 347 -2.53 6.77 -1.64
N VAL C 348 -1.89 7.44 -2.60
CA VAL C 348 -2.38 7.49 -3.96
C VAL C 348 -1.85 6.27 -4.70
N GLU C 349 -2.75 5.44 -5.23
CA GLU C 349 -2.38 4.26 -5.98
C GLU C 349 -3.14 4.26 -7.30
N PHE C 350 -2.59 3.53 -8.27
CA PHE C 350 -3.17 3.47 -9.60
C PHE C 350 -4.14 2.31 -9.68
N MET C 351 -5.43 2.62 -9.84
CA MET C 351 -6.45 1.63 -10.18
C MET C 351 -6.84 1.82 -11.63
N HIS C 352 -6.84 0.72 -12.39
CA HIS C 352 -7.30 0.79 -13.77
C HIS C 352 -8.79 1.12 -13.80
N LEU C 353 -9.15 2.06 -14.66
CA LEU C 353 -10.53 2.51 -14.80
C LEU C 353 -11.09 1.96 -16.11
N PHE C 354 -12.30 1.39 -16.08
CA PHE C 354 -13.05 0.99 -17.30
C PHE C 354 -14.25 1.93 -17.45
N GLU C 355 -14.02 3.06 -18.09
CA GLU C 355 -15.08 4.04 -18.32
C GLU C 355 -14.63 4.98 -19.43
N ARG C 356 -15.36 4.98 -20.55
CA ARG C 356 -15.03 5.85 -21.68
C ARG C 356 -15.55 7.26 -21.38
N SER C 357 -14.89 7.90 -20.42
CA SER C 357 -15.26 9.25 -19.98
C SER C 357 -14.70 10.24 -20.99
N ASN C 358 -15.57 10.76 -21.85
CA ASN C 358 -15.17 11.79 -22.81
C ASN C 358 -14.88 13.13 -22.15
N ILE C 359 -15.20 13.27 -20.86
CA ILE C 359 -14.99 14.52 -20.13
C ILE C 359 -13.53 14.96 -20.28
N SER C 360 -13.30 16.27 -20.28
CA SER C 360 -11.93 16.78 -20.37
C SER C 360 -11.10 16.29 -19.20
N ILE C 361 -11.59 16.48 -17.98
CA ILE C 361 -11.00 15.89 -16.78
C ILE C 361 -12.13 15.27 -15.97
N ASP C 362 -11.95 13.99 -15.62
CA ASP C 362 -12.93 13.24 -14.83
C ASP C 362 -12.22 12.51 -13.70
N MET C 363 -11.40 13.25 -12.96
CA MET C 363 -10.55 12.63 -11.96
C MET C 363 -11.37 11.84 -10.96
N SER C 364 -11.23 10.51 -11.01
CA SER C 364 -11.98 9.62 -10.12
C SER C 364 -11.08 9.28 -8.96
N VAL C 365 -11.26 10.00 -7.86
CA VAL C 365 -10.60 9.66 -6.60
C VAL C 365 -11.40 8.51 -6.02
N TYR C 366 -10.95 7.29 -6.30
CA TYR C 366 -11.62 6.10 -5.82
C TYR C 366 -11.35 5.88 -4.34
N PHE C 367 -12.36 5.40 -3.64
CA PHE C 367 -12.19 4.84 -2.30
C PHE C 367 -12.69 3.41 -2.39
N ALA C 368 -11.82 2.53 -2.86
CA ALA C 368 -12.13 1.11 -2.98
C ALA C 368 -11.77 0.33 -1.72
N TYR C 369 -11.30 1.03 -0.70
CA TYR C 369 -10.81 0.43 0.54
C TYR C 369 -11.50 1.13 1.70
N ASN C 370 -12.67 0.64 2.07
CA ASN C 370 -13.33 1.13 3.28
C ASN C 370 -12.46 0.93 4.51
N TYR C 371 -11.52 0.00 4.45
CA TYR C 371 -10.65 -0.33 5.59
C TYR C 371 -9.59 0.76 5.72
N ILE C 372 -10.03 1.92 6.22
CA ILE C 372 -9.09 2.98 6.53
C ILE C 372 -8.08 2.46 7.54
N GLN C 373 -6.80 2.61 7.22
CA GLN C 373 -5.71 2.14 8.06
C GLN C 373 -5.42 3.13 9.18
N VAL C 374 -6.44 3.43 9.98
CA VAL C 374 -6.31 4.52 10.95
C VAL C 374 -5.21 4.15 11.93
N ALA C 375 -4.12 4.92 11.89
CA ALA C 375 -3.02 4.78 12.83
C ALA C 375 -3.13 5.84 13.93
N THR C 376 -4.11 5.66 14.80
CA THR C 376 -4.36 6.65 15.84
C THR C 376 -3.20 6.66 16.82
N GLU C 377 -2.43 7.76 16.83
CA GLU C 377 -1.26 7.87 17.70
C GLU C 377 -1.74 8.17 19.11
N TYR C 378 -2.28 7.13 19.75
CA TYR C 378 -2.81 7.29 21.09
C TYR C 378 -1.72 7.76 22.04
N LEU C 379 -2.14 8.18 23.22
CA LEU C 379 -1.24 8.56 24.31
C LEU C 379 -1.41 7.59 25.47
N THR C 380 -0.30 7.01 25.92
CA THR C 380 -0.31 6.03 26.99
C THR C 380 -0.30 6.75 28.33
N TYR C 381 -1.49 7.07 28.83
CA TYR C 381 -1.58 7.64 30.19
C TYR C 381 -1.10 6.63 31.21
N THR C 382 -1.28 5.33 30.94
CA THR C 382 -0.77 4.30 31.82
C THR C 382 0.75 4.30 31.87
N LEU C 383 1.41 5.00 30.94
CA LEU C 383 2.86 5.12 30.97
C LEU C 383 3.32 5.77 32.27
N ARG C 384 2.70 6.90 32.63
CA ARG C 384 3.04 7.57 33.88
C ARG C 384 2.71 6.68 35.09
N GLY C 385 1.56 6.02 35.03
CA GLY C 385 1.19 5.11 36.12
C GLY C 385 2.20 4.01 36.33
N LEU C 386 2.70 3.43 35.24
CA LEU C 386 3.68 2.34 35.35
C LEU C 386 5.03 2.86 35.83
N LEU C 387 5.48 3.98 35.28
CA LEU C 387 6.74 4.55 35.74
C LEU C 387 6.67 4.94 37.21
N SER C 388 5.47 5.25 37.71
CA SER C 388 5.29 5.40 39.15
C SER C 388 5.23 4.07 39.90
N ASP C 389 4.62 3.05 39.30
CA ASP C 389 4.67 1.70 39.86
C ASP C 389 6.10 1.26 40.08
N ILE C 390 7.02 1.76 39.26
CA ILE C 390 8.44 1.50 39.46
C ILE C 390 8.82 1.71 40.93
N GLY C 391 8.05 2.52 41.65
CA GLY C 391 8.24 2.63 43.09
C GLY C 391 8.06 1.31 43.80
N GLY C 392 7.28 0.41 43.22
CA GLY C 392 7.16 -0.93 43.79
C GLY C 392 8.47 -1.69 43.76
N VAL C 393 9.17 -1.64 42.63
CA VAL C 393 10.48 -2.27 42.55
C VAL C 393 11.49 -1.50 43.40
N LEU C 394 11.27 -0.19 43.55
CA LEU C 394 12.01 0.59 44.54
C LEU C 394 11.90 -0.05 45.92
N GLY C 395 10.66 -0.30 46.35
CA GLY C 395 10.44 -0.93 47.64
C GLY C 395 11.04 -2.32 47.73
N LEU C 396 10.99 -3.06 46.62
CA LEU C 396 11.61 -4.39 46.65
C LEU C 396 13.12 -4.33 46.78
N PHE C 397 13.79 -3.36 46.15
CA PHE C 397 15.20 -3.15 46.52
C PHE C 397 15.35 -2.78 47.98
N LEU C 398 14.51 -1.87 48.47
CA LEU C 398 14.61 -1.47 49.87
C LEU C 398 14.52 -2.68 50.79
N GLY C 399 13.71 -3.67 50.44
CA GLY C 399 13.68 -4.90 51.21
C GLY C 399 15.03 -5.60 51.22
N ILE C 400 15.75 -5.54 50.10
CA ILE C 400 17.07 -6.14 50.00
C ILE C 400 18.03 -5.48 50.99
#